data_4AG6
#
_entry.id   4AG6
#
_cell.length_a   109.286
_cell.length_b   112.765
_cell.length_c   156.579
_cell.angle_alpha   90.00
_cell.angle_beta   90.00
_cell.angle_gamma   90.00
#
_symmetry.space_group_name_H-M   'P 2 21 21'
#
loop_
_entity.id
_entity.type
_entity.pdbx_description
1 polymer 'TYPE IV SECRETORY PATHWAY VIRB4 COMPONENTS-LIKE PROTEIN'
2 non-polymer 'SULFATE ION'
3 water water
#
_entity_poly.entity_id   1
_entity_poly.type   'polypeptide(L)'
_entity_poly.pdbx_seq_one_letter_code
;TASGINDGSGIVLGKDRDGGLVLVDIWKRGGDRTNSNWTILAKPGAGKSFTAK(MSE)LLLREY(MSE)QGSRVIIIDPE
REYKE(MSE)CRKLGGVWINCTGGEGKINPLQVRLRPVEEEDEENAVFQSPLALHIQTLRTFFSLYLRDLTDTEKAALED
ALVEVYKEAGITWDTDPRGVPNDKWPTVKELYEYCVKKAEENPETYGRLSVLLKRAAEGADSYLWAGPTAVEADSDFIVF
DVHDLQNAEDQVKRAQYFNVLSFAWNILERDRRERTVLVVDEAW(MSE)LVDPQTPQAIAFLRDTSKRIRKYNGSLIVIS
QNVIDFLAPEVQRYGQALLDNPTYKLLLAQGEKDLEAITTL(MSE)NLSEAEHDLLVNAKRGEGLFVAGTQRIHIKIEAA
PYE(MSE)QYLTGGGN
;
_entity_poly.pdbx_strand_id   A,B,C,D
#
loop_
_chem_comp.id
_chem_comp.type
_chem_comp.name
_chem_comp.formula
SO4 non-polymer 'SULFATE ION' 'O4 S -2'
#
# COMPACT_ATOMS: atom_id res chain seq x y z
N SER A 3 40.16 5.16 3.85
CA SER A 3 41.13 5.71 2.90
C SER A 3 41.56 7.11 3.35
N GLY A 4 40.75 7.72 4.20
CA GLY A 4 41.06 9.03 4.74
C GLY A 4 40.46 10.17 3.92
N ILE A 5 39.84 11.12 4.60
CA ILE A 5 39.39 12.34 3.96
C ILE A 5 39.75 13.51 4.86
N ASN A 6 40.53 14.43 4.32
CA ASN A 6 40.94 15.62 5.04
C ASN A 6 40.95 16.82 4.11
N ASP A 7 39.98 17.71 4.24
CA ASP A 7 39.96 18.90 3.39
C ASP A 7 40.92 19.93 3.95
N GLY A 8 41.09 21.05 3.26
CA GLY A 8 41.97 22.07 3.82
C GLY A 8 41.60 22.26 5.28
N SER A 9 40.47 22.91 5.48
CA SER A 9 39.91 23.17 6.77
C SER A 9 38.54 22.52 6.76
N GLY A 10 37.64 22.97 7.62
CA GLY A 10 36.29 22.46 7.67
C GLY A 10 36.05 22.08 9.10
N ILE A 11 35.22 21.08 9.35
CA ILE A 11 34.97 20.65 10.71
C ILE A 11 35.43 19.21 10.88
N VAL A 12 35.73 18.83 12.10
CA VAL A 12 36.08 17.44 12.40
C VAL A 12 34.80 16.60 12.39
N LEU A 13 34.82 15.51 11.65
CA LEU A 13 33.67 14.61 11.66
C LEU A 13 33.94 13.50 12.66
N GLY A 14 35.14 12.91 12.62
CA GLY A 14 35.46 11.79 13.48
C GLY A 14 36.76 11.16 13.05
N LYS A 15 36.90 9.85 13.25
CA LYS A 15 38.13 9.18 12.87
C LYS A 15 37.92 8.13 11.77
N ASP A 16 38.95 7.93 10.95
CA ASP A 16 38.90 6.90 9.94
C ASP A 16 39.49 5.59 10.47
N ARG A 17 39.54 4.56 9.63
CA ARG A 17 39.94 3.24 10.08
C ARG A 17 41.35 3.20 10.67
N ASP A 18 42.24 4.04 10.15
CA ASP A 18 43.61 4.10 10.65
C ASP A 18 43.76 5.07 11.82
N GLY A 19 42.63 5.56 12.33
CA GLY A 19 42.65 6.48 13.47
C GLY A 19 42.95 7.93 13.14
N GLY A 20 43.16 8.22 11.85
CA GLY A 20 43.41 9.59 11.41
C GLY A 20 42.14 10.42 11.28
N LEU A 21 42.30 11.72 11.50
CA LEU A 21 41.21 12.69 11.52
C LEU A 21 40.48 12.83 10.17
N VAL A 22 39.16 12.68 10.17
CA VAL A 22 38.40 13.10 9.00
C VAL A 22 37.83 14.49 9.22
N LEU A 23 38.12 15.37 8.28
CA LEU A 23 37.91 16.79 8.46
C LEU A 23 37.25 17.22 7.17
N VAL A 24 36.03 17.75 7.23
CA VAL A 24 35.35 18.03 5.98
C VAL A 24 34.88 19.48 5.87
N ASP A 25 35.18 20.09 4.74
CA ASP A 25 34.62 21.39 4.40
C ASP A 25 33.39 21.21 3.49
N ILE A 26 32.20 21.26 4.08
CA ILE A 26 30.98 20.93 3.33
C ILE A 26 30.59 22.00 2.31
N TRP A 27 31.23 23.16 2.41
CA TRP A 27 30.98 24.27 1.50
C TRP A 27 31.90 24.20 0.28
N LYS A 28 32.80 23.22 0.25
CA LYS A 28 33.72 23.07 -0.87
C LYS A 28 32.96 22.95 -2.19
N ARG A 29 33.55 23.47 -3.26
CA ARG A 29 33.09 23.19 -4.61
C ARG A 29 34.27 22.76 -5.47
N GLY A 30 34.03 21.89 -6.43
CA GLY A 30 35.10 21.44 -7.29
C GLY A 30 35.09 19.93 -7.40
N GLY A 31 35.30 19.44 -8.61
CA GLY A 31 35.35 18.01 -8.83
C GLY A 31 34.09 17.35 -8.33
N ASP A 32 34.23 16.35 -7.45
CA ASP A 32 33.06 15.59 -7.06
C ASP A 32 32.25 16.24 -5.89
N ARG A 33 32.64 17.44 -5.47
CA ARG A 33 31.91 18.21 -4.46
C ARG A 33 30.98 19.18 -5.15
N THR A 34 29.77 18.74 -5.45
CA THR A 34 28.89 19.56 -6.26
C THR A 34 27.85 20.31 -5.43
N ASN A 35 27.49 19.78 -4.26
CA ASN A 35 26.57 20.50 -3.39
C ASN A 35 27.01 20.38 -1.93
N SER A 36 26.19 20.90 -1.01
CA SER A 36 26.56 20.82 0.39
C SER A 36 25.53 20.04 1.17
N ASN A 37 24.73 19.26 0.46
CA ASN A 37 23.63 18.55 1.07
C ASN A 37 24.11 17.27 1.72
N TRP A 38 23.37 16.81 2.72
CA TRP A 38 23.65 15.57 3.44
C TRP A 38 22.45 14.63 3.41
N THR A 39 22.73 13.34 3.38
CA THR A 39 21.75 12.33 3.68
C THR A 39 22.29 11.49 4.83
N ILE A 40 21.55 11.44 5.92
CA ILE A 40 21.91 10.63 7.08
C ILE A 40 20.83 9.57 7.31
N LEU A 41 21.19 8.29 7.16
CA LEU A 41 20.20 7.22 7.20
C LEU A 41 20.61 6.10 8.15
N ALA A 42 19.66 5.59 8.92
CA ALA A 42 19.95 4.51 9.85
C ALA A 42 18.72 4.10 10.61
N LYS A 43 18.73 2.89 11.14
CA LYS A 43 17.64 2.40 11.98
C LYS A 43 17.68 3.18 13.29
N PRO A 44 16.58 3.15 14.06
CA PRO A 44 16.49 3.87 15.34
C PRO A 44 17.51 3.39 16.36
N GLY A 45 18.08 4.32 17.12
CA GLY A 45 19.10 3.99 18.10
C GLY A 45 20.49 3.87 17.50
N ALA A 46 20.62 4.04 16.19
CA ALA A 46 21.91 3.82 15.55
C ALA A 46 22.91 4.94 15.81
N GLY A 47 22.42 6.13 16.13
CA GLY A 47 23.25 7.31 16.39
C GLY A 47 22.99 8.53 15.50
N LYS A 48 21.89 8.56 14.75
CA LYS A 48 21.61 9.64 13.81
C LYS A 48 21.61 11.00 14.49
N SER A 49 20.83 11.11 15.56
CA SER A 49 20.63 12.42 16.16
C SER A 49 21.91 12.90 16.89
N PHE A 50 22.61 11.98 17.52
CA PHE A 50 23.91 12.30 18.13
C PHE A 50 24.88 12.94 17.11
N THR A 51 25.08 12.21 16.02
CA THR A 51 25.96 12.64 14.93
C THR A 51 25.53 13.97 14.33
N ALA A 52 24.23 14.12 14.10
CA ALA A 52 23.71 15.32 13.49
C ALA A 52 23.93 16.48 14.47
N LYS A 53 23.78 16.20 15.77
CA LYS A 53 24.02 17.23 16.81
C LYS A 53 25.46 17.71 16.75
N MSE A 54 26.40 16.78 16.69
CA MSE A 54 27.82 17.13 16.52
C MSE A 54 28.13 17.99 15.30
O MSE A 54 28.74 19.06 15.39
CB MSE A 54 28.65 15.86 16.49
CG MSE A 54 28.51 15.06 17.77
SE MSE A 54 28.91 16.16 19.37
CE MSE A 54 27.14 16.86 19.86
N LEU A 55 27.68 17.49 14.14
CA LEU A 55 27.85 18.18 12.88
C LEU A 55 27.25 19.58 12.87
N LEU A 56 26.02 19.69 13.38
CA LEU A 56 25.30 20.95 13.45
C LEU A 56 25.98 21.93 14.39
N LEU A 57 26.38 21.45 15.58
CA LEU A 57 27.07 22.29 16.55
C LEU A 57 28.36 22.85 15.96
N ARG A 58 29.13 21.98 15.32
CA ARG A 58 30.40 22.42 14.74
C ARG A 58 30.16 23.35 13.54
N GLU A 59 29.07 23.17 12.78
CA GLU A 59 28.88 24.13 11.69
C GLU A 59 28.39 25.49 12.26
N TYR A 60 27.54 25.42 13.28
CA TYR A 60 27.03 26.61 13.95
C TYR A 60 28.20 27.43 14.46
N MSE A 61 29.13 26.78 15.13
CA MSE A 61 30.26 27.52 15.69
C MSE A 61 31.13 28.22 14.66
O MSE A 61 31.92 29.11 14.99
CB MSE A 61 31.11 26.61 16.57
CG MSE A 61 30.52 26.51 17.95
SE MSE A 61 31.26 25.03 18.93
CE MSE A 61 30.27 25.29 20.60
N GLN A 62 30.96 27.86 13.40
CA GLN A 62 31.78 28.48 12.35
C GLN A 62 30.97 29.50 11.59
N GLY A 63 29.77 29.77 12.09
CA GLY A 63 28.93 30.83 11.55
C GLY A 63 27.68 30.42 10.78
N SER A 64 27.39 29.12 10.65
CA SER A 64 26.15 28.70 9.99
C SER A 64 24.90 29.00 10.81
N ARG A 65 23.89 29.57 10.18
CA ARG A 65 22.54 29.55 10.79
C ARG A 65 21.97 28.14 10.66
N VAL A 66 21.25 27.69 11.67
CA VAL A 66 20.69 26.35 11.67
C VAL A 66 19.16 26.43 11.81
N ILE A 67 18.45 25.62 11.01
CA ILE A 67 16.99 25.51 11.05
C ILE A 67 16.61 24.04 11.01
N ILE A 68 15.88 23.58 12.02
CA ILE A 68 15.57 22.16 12.19
C ILE A 68 14.07 21.91 12.36
N ILE A 69 13.57 20.92 11.66
CA ILE A 69 12.23 20.37 11.91
C ILE A 69 12.40 19.08 12.63
N ASP A 70 11.88 19.05 13.86
CA ASP A 70 12.21 18.03 14.83
C ASP A 70 10.96 17.37 15.42
N PRO A 71 10.54 16.21 14.87
CA PRO A 71 9.41 15.45 15.42
C PRO A 71 9.80 14.57 16.59
N GLU A 72 11.09 14.55 16.92
CA GLU A 72 11.56 13.69 17.97
C GLU A 72 11.81 14.43 19.27
N ARG A 73 11.83 15.75 19.23
CA ARG A 73 12.24 16.52 20.41
C ARG A 73 13.69 16.14 20.84
N GLU A 74 14.56 15.99 19.85
CA GLU A 74 15.94 15.64 20.09
C GLU A 74 16.81 16.90 20.17
N TYR A 75 16.27 18.01 19.67
CA TYR A 75 17.06 19.24 19.48
C TYR A 75 16.69 20.38 20.41
N LYS A 76 15.79 20.12 21.37
CA LYS A 76 15.37 21.16 22.31
C LYS A 76 16.50 21.64 23.20
N GLU A 77 17.20 20.70 23.81
CA GLU A 77 18.24 21.03 24.80
C GLU A 77 19.36 21.82 24.14
N MSE A 78 19.81 21.36 22.99
CA MSE A 78 20.79 22.12 22.21
C MSE A 78 20.30 23.55 21.97
O MSE A 78 21.02 24.50 22.19
CB MSE A 78 21.07 21.47 20.85
CG MSE A 78 22.23 22.12 20.10
SE MSE A 78 22.78 21.10 18.47
CE MSE A 78 23.86 22.47 17.61
N CYS A 79 19.07 23.67 21.48
CA CYS A 79 18.48 24.97 21.18
C CYS A 79 18.51 25.88 22.41
N ARG A 80 18.29 25.30 23.58
CA ARG A 80 18.31 26.05 24.85
C ARG A 80 19.73 26.50 25.22
N LYS A 81 20.69 25.59 25.11
CA LYS A 81 22.10 25.92 25.33
C LYS A 81 22.67 27.01 24.42
N LEU A 82 22.11 27.14 23.23
CA LEU A 82 22.61 28.07 22.22
C LEU A 82 21.78 29.34 22.21
N GLY A 83 20.75 29.41 23.06
CA GLY A 83 19.85 30.55 23.08
C GLY A 83 19.06 30.75 21.81
N GLY A 84 18.71 29.66 21.12
CA GLY A 84 17.93 29.78 19.91
C GLY A 84 16.43 29.77 20.15
N VAL A 85 15.63 29.95 19.09
CA VAL A 85 14.19 29.94 19.28
C VAL A 85 13.58 28.57 19.07
N TRP A 86 13.00 28.07 20.16
CA TRP A 86 12.32 26.79 20.15
C TRP A 86 10.83 27.06 19.91
N ILE A 87 10.30 26.51 18.82
CA ILE A 87 8.90 26.69 18.48
C ILE A 87 8.13 25.40 18.66
N ASN A 88 7.22 25.40 19.63
CA ASN A 88 6.37 24.27 19.90
C ASN A 88 5.12 24.32 18.99
N CYS A 89 5.16 23.63 17.85
CA CYS A 89 4.12 23.79 16.81
C CYS A 89 2.72 23.24 17.12
N THR A 90 2.61 22.49 18.20
CA THR A 90 1.31 22.02 18.67
C THR A 90 0.71 22.92 19.74
N GLY A 91 1.50 23.89 20.21
CA GLY A 91 1.02 24.82 21.23
C GLY A 91 0.57 26.08 20.52
N GLY A 92 -0.29 26.86 21.16
CA GLY A 92 -0.75 28.11 20.58
C GLY A 92 0.36 29.01 20.09
N GLU A 93 1.47 29.09 20.84
CA GLU A 93 2.59 29.98 20.47
C GLU A 93 3.36 29.55 19.23
N GLY A 94 3.18 28.32 18.79
CA GLY A 94 3.86 27.84 17.59
C GLY A 94 2.87 27.64 16.47
N LYS A 95 1.79 28.43 16.48
CA LYS A 95 0.79 28.28 15.43
C LYS A 95 1.34 28.78 14.12
N ILE A 96 1.28 27.93 13.10
CA ILE A 96 1.71 28.36 11.78
C ILE A 96 0.53 28.23 10.82
N ASN A 97 0.09 29.37 10.30
CA ASN A 97 -1.10 29.44 9.48
C ASN A 97 -0.81 29.01 8.03
N PRO A 98 -1.35 27.85 7.60
CA PRO A 98 -1.11 27.35 6.25
C PRO A 98 -1.43 28.40 5.19
N LEU A 99 -2.48 29.18 5.41
CA LEU A 99 -2.92 30.15 4.40
C LEU A 99 -2.12 31.45 4.35
N GLN A 100 -1.17 31.65 5.26
CA GLN A 100 -0.32 32.83 5.16
C GLN A 100 0.66 32.66 4.00
N VAL A 101 0.58 33.56 3.03
CA VAL A 101 1.25 33.35 1.75
C VAL A 101 2.76 33.44 1.89
N ARG A 102 3.46 32.48 1.31
CA ARG A 102 4.91 32.49 1.37
C ARG A 102 5.57 31.93 0.14
N LEU A 103 6.82 32.34 -0.08
CA LEU A 103 7.58 31.94 -1.24
C LEU A 103 7.87 30.44 -1.20
N ARG A 104 7.66 29.78 -2.33
CA ARG A 104 8.02 28.38 -2.46
C ARG A 104 9.38 28.26 -3.17
N PRO A 105 9.95 27.06 -3.22
CA PRO A 105 11.23 26.88 -3.93
C PRO A 105 10.97 26.77 -5.42
N GLN A 117 5.78 36.80 -11.28
CA GLN A 117 5.03 35.67 -10.70
C GLN A 117 4.18 36.12 -9.52
N SER A 118 2.95 35.63 -9.45
CA SER A 118 2.01 36.02 -8.39
C SER A 118 2.23 35.21 -7.11
N PRO A 119 2.55 35.88 -6.00
CA PRO A 119 2.74 35.22 -4.70
C PRO A 119 1.53 34.39 -4.33
N LEU A 120 0.33 34.95 -4.52
CA LEU A 120 -0.91 34.24 -4.28
C LEU A 120 -1.09 32.97 -5.12
N ALA A 121 -0.82 33.04 -6.43
CA ALA A 121 -0.96 31.88 -7.31
C ALA A 121 -0.03 30.72 -6.93
N LEU A 122 1.22 31.08 -6.66
CA LEU A 122 2.22 30.12 -6.17
C LEU A 122 1.77 29.50 -4.84
N HIS A 123 1.41 30.35 -3.88
CA HIS A 123 0.99 29.80 -2.60
C HIS A 123 -0.21 28.87 -2.76
N ILE A 124 -1.11 29.19 -3.67
CA ILE A 124 -2.23 28.29 -3.93
C ILE A 124 -1.75 26.93 -4.50
N GLN A 125 -0.68 26.97 -5.31
CA GLN A 125 -0.07 25.71 -5.72
C GLN A 125 0.47 24.91 -4.51
N THR A 126 1.09 25.61 -3.55
CA THR A 126 1.51 24.95 -2.30
C THR A 126 0.33 24.38 -1.50
N LEU A 127 -0.77 25.13 -1.47
CA LEU A 127 -1.94 24.73 -0.73
C LEU A 127 -2.63 23.51 -1.32
N ARG A 128 -2.56 23.33 -2.65
CA ARG A 128 -3.09 22.11 -3.24
C ARG A 128 -2.40 20.86 -2.65
N THR A 129 -1.09 20.91 -2.46
CA THR A 129 -0.36 19.80 -1.84
C THR A 129 -0.74 19.69 -0.36
N PHE A 130 -0.75 20.81 0.36
CA PHE A 130 -1.15 20.80 1.78
C PHE A 130 -2.48 20.10 1.98
N PHE A 131 -3.48 20.52 1.23
CA PHE A 131 -4.83 19.96 1.38
C PHE A 131 -4.98 18.54 0.79
N SER A 132 -4.14 18.18 -0.19
CA SER A 132 -4.16 16.78 -0.64
C SER A 132 -3.59 15.87 0.44
N LEU A 133 -2.57 16.35 1.15
CA LEU A 133 -2.03 15.63 2.31
C LEU A 133 -3.04 15.48 3.43
N TYR A 134 -3.73 16.56 3.77
CA TYR A 134 -4.69 16.52 4.88
C TYR A 134 -6.03 15.84 4.52
N LEU A 135 -6.51 16.07 3.29
CA LEU A 135 -7.78 15.49 2.83
C LEU A 135 -7.52 14.53 1.67
N ARG A 136 -7.27 13.27 1.98
CA ARG A 136 -6.93 12.33 0.94
C ARG A 136 -8.20 11.88 0.19
N ASP A 137 -8.06 11.66 -1.12
CA ASP A 137 -9.18 11.17 -1.92
C ASP A 137 -10.28 12.21 -2.14
N LEU A 138 -9.91 13.32 -2.78
CA LEU A 138 -10.81 14.44 -3.05
C LEU A 138 -11.11 14.45 -4.55
N THR A 139 -12.39 14.44 -4.92
CA THR A 139 -12.75 14.48 -6.35
C THR A 139 -12.14 15.70 -7.02
N ASP A 140 -12.01 15.68 -8.34
CA ASP A 140 -11.36 16.78 -9.06
C ASP A 140 -12.21 18.05 -9.06
N THR A 141 -13.52 17.87 -9.07
CA THR A 141 -14.41 18.99 -8.88
C THR A 141 -14.05 19.63 -7.55
N GLU A 142 -14.08 18.83 -6.48
CA GLU A 142 -13.75 19.31 -5.14
C GLU A 142 -12.43 20.07 -5.08
N LYS A 143 -11.46 19.66 -5.88
CA LYS A 143 -10.17 20.32 -5.87
C LYS A 143 -10.30 21.69 -6.54
N ALA A 144 -11.01 21.72 -7.67
CA ALA A 144 -11.25 22.98 -8.36
C ALA A 144 -12.00 23.97 -7.46
N ALA A 145 -13.03 23.47 -6.79
CA ALA A 145 -13.88 24.28 -5.95
C ALA A 145 -13.12 24.76 -4.72
N LEU A 146 -12.21 23.93 -4.23
CA LEU A 146 -11.40 24.26 -3.06
C LEU A 146 -10.52 25.43 -3.45
N GLU A 147 -9.94 25.38 -4.66
CA GLU A 147 -9.08 26.46 -5.10
C GLU A 147 -9.87 27.76 -5.32
N ASP A 148 -11.08 27.63 -5.87
CA ASP A 148 -11.98 28.77 -6.02
C ASP A 148 -12.26 29.42 -4.66
N ALA A 149 -12.55 28.58 -3.67
CA ALA A 149 -12.88 29.02 -2.32
C ALA A 149 -11.71 29.73 -1.66
N LEU A 150 -10.51 29.17 -1.83
CA LEU A 150 -9.32 29.84 -1.33
C LEU A 150 -9.19 31.22 -1.98
N VAL A 151 -9.37 31.28 -3.30
CA VAL A 151 -9.27 32.57 -3.96
C VAL A 151 -10.25 33.60 -3.37
N GLU A 152 -11.51 33.20 -3.16
CA GLU A 152 -12.52 34.12 -2.65
C GLU A 152 -12.28 34.55 -1.20
N VAL A 153 -11.79 33.63 -0.39
CA VAL A 153 -11.50 33.92 1.01
C VAL A 153 -10.32 34.89 1.14
N TYR A 154 -9.31 34.68 0.29
CA TYR A 154 -8.23 35.65 0.18
C TYR A 154 -8.79 37.00 -0.24
N LYS A 155 -9.62 36.98 -1.27
CA LYS A 155 -10.17 38.22 -1.80
C LYS A 155 -10.95 39.00 -0.74
N GLU A 156 -11.69 38.29 0.11
CA GLU A 156 -12.44 38.94 1.18
C GLU A 156 -11.50 39.45 2.28
N ALA A 157 -10.36 38.79 2.44
CA ALA A 157 -9.36 39.29 3.39
C ALA A 157 -8.60 40.49 2.82
N GLY A 158 -8.93 40.88 1.59
CA GLY A 158 -8.28 42.02 0.96
C GLY A 158 -6.95 41.72 0.31
N ILE A 159 -6.67 40.44 0.06
CA ILE A 159 -5.44 40.07 -0.65
C ILE A 159 -5.74 39.54 -2.05
N THR A 160 -5.05 40.10 -3.04
CA THR A 160 -5.30 39.75 -4.43
C THR A 160 -4.01 39.38 -5.13
N TRP A 161 -4.10 39.15 -6.43
CA TRP A 161 -3.00 38.53 -7.17
C TRP A 161 -1.70 39.33 -7.18
N ASP A 162 -1.77 40.63 -6.94
CA ASP A 162 -0.57 41.47 -6.94
C ASP A 162 -0.03 41.77 -5.55
N THR A 163 -0.78 41.44 -4.52
CA THR A 163 -0.40 41.83 -3.16
C THR A 163 0.88 41.15 -2.71
N ASP A 164 1.80 41.93 -2.16
CA ASP A 164 3.05 41.37 -1.68
C ASP A 164 2.86 40.88 -0.25
N PRO A 165 3.22 39.62 0.00
CA PRO A 165 3.07 39.03 1.33
C PRO A 165 3.87 39.82 2.36
N ARG A 166 5.05 40.28 1.94
CA ARG A 166 5.95 41.01 2.82
C ARG A 166 5.23 42.11 3.60
N GLY A 167 4.21 42.72 2.99
CA GLY A 167 3.53 43.83 3.62
C GLY A 167 2.41 43.48 4.57
N VAL A 168 1.85 42.28 4.42
CA VAL A 168 0.66 41.89 5.19
C VAL A 168 0.98 41.41 6.61
N PRO A 169 0.24 41.94 7.61
CA PRO A 169 0.43 41.57 9.02
C PRO A 169 -0.20 40.22 9.33
N ASN A 170 0.44 39.43 10.20
CA ASN A 170 0.02 38.07 10.43
C ASN A 170 -1.48 37.87 10.55
N ASP A 171 -2.17 38.83 11.16
CA ASP A 171 -3.61 38.69 11.41
C ASP A 171 -4.53 39.15 10.28
N LYS A 172 -3.98 39.61 9.16
CA LYS A 172 -4.82 39.99 8.03
C LYS A 172 -5.08 38.82 7.09
N TRP A 173 -4.33 37.73 7.26
CA TRP A 173 -4.51 36.54 6.46
C TRP A 173 -5.77 35.79 6.88
N PRO A 174 -6.48 35.23 5.90
CA PRO A 174 -7.57 34.30 6.23
C PRO A 174 -7.00 33.03 6.85
N THR A 175 -7.84 32.23 7.49
CA THR A 175 -7.41 30.96 8.09
C THR A 175 -8.35 29.87 7.63
N VAL A 176 -8.11 28.63 8.06
CA VAL A 176 -8.99 27.54 7.64
C VAL A 176 -10.40 27.76 8.20
N LYS A 177 -10.54 28.65 9.18
CA LYS A 177 -11.89 28.93 9.70
C LYS A 177 -12.74 29.64 8.64
N GLU A 178 -12.18 30.71 8.07
CA GLU A 178 -12.87 31.44 7.00
C GLU A 178 -13.17 30.57 5.79
N LEU A 179 -12.24 29.71 5.44
CA LEU A 179 -12.38 28.77 4.33
C LEU A 179 -13.51 27.78 4.59
N TYR A 180 -13.56 27.31 5.83
CA TYR A 180 -14.62 26.41 6.24
C TYR A 180 -15.99 27.10 6.13
N GLU A 181 -16.09 28.33 6.63
CA GLU A 181 -17.38 29.03 6.61
C GLU A 181 -17.80 29.43 5.20
N TYR A 182 -16.83 29.73 4.35
CA TYR A 182 -17.12 30.04 2.97
C TYR A 182 -17.72 28.80 2.32
N CYS A 183 -17.07 27.66 2.51
CA CYS A 183 -17.58 26.42 1.93
C CYS A 183 -18.97 26.03 2.44
N VAL A 184 -19.21 26.22 3.74
CA VAL A 184 -20.54 25.92 4.26
C VAL A 184 -21.59 26.83 3.63
N LYS A 185 -21.28 28.12 3.51
CA LYS A 185 -22.23 29.05 2.90
C LYS A 185 -22.51 28.73 1.43
N LYS A 186 -21.49 28.30 0.70
CA LYS A 186 -21.68 28.00 -0.71
C LYS A 186 -22.31 26.61 -0.88
N ALA A 187 -22.34 25.84 0.20
CA ALA A 187 -22.93 24.51 0.14
C ALA A 187 -24.47 24.58 0.20
N GLU A 188 -25.00 25.78 0.36
CA GLU A 188 -26.44 25.96 0.34
C GLU A 188 -26.97 25.86 -1.09
N GLU A 189 -26.38 26.64 -1.99
CA GLU A 189 -26.79 26.63 -3.39
C GLU A 189 -25.90 25.72 -4.23
N ASN A 190 -24.92 25.09 -3.58
CA ASN A 190 -24.03 24.16 -4.28
C ASN A 190 -23.71 22.90 -3.47
N PRO A 191 -24.74 22.30 -2.85
CA PRO A 191 -24.60 21.22 -1.86
C PRO A 191 -23.78 20.07 -2.39
N GLU A 192 -23.88 19.82 -3.69
CA GLU A 192 -23.29 18.64 -4.30
C GLU A 192 -21.78 18.72 -4.48
N THR A 193 -21.26 19.90 -4.81
CA THR A 193 -19.81 20.03 -4.95
C THR A 193 -19.09 20.62 -3.74
N TYR A 194 -19.83 21.17 -2.77
CA TYR A 194 -19.22 21.77 -1.58
C TYR A 194 -19.56 21.06 -0.25
N GLY A 195 -20.55 20.16 -0.27
CA GLY A 195 -21.00 19.52 0.96
C GLY A 195 -19.94 18.79 1.78
N ARG A 196 -19.57 17.60 1.32
CA ARG A 196 -18.62 16.77 2.06
C ARG A 196 -17.30 17.53 2.26
N LEU A 197 -16.98 18.42 1.33
CA LEU A 197 -15.81 19.28 1.47
C LEU A 197 -15.92 20.11 2.76
N SER A 198 -17.06 20.78 2.93
CA SER A 198 -17.25 21.61 4.12
C SER A 198 -17.16 20.76 5.40
N VAL A 199 -17.83 19.63 5.37
CA VAL A 199 -17.78 18.77 6.55
C VAL A 199 -16.35 18.27 6.85
N LEU A 200 -15.52 18.18 5.82
CA LEU A 200 -14.14 17.76 6.02
C LEU A 200 -13.25 18.90 6.54
N LEU A 201 -13.56 20.15 6.17
CA LEU A 201 -12.80 21.29 6.65
C LEU A 201 -13.13 21.62 8.10
N LYS A 202 -14.32 21.20 8.53
CA LYS A 202 -14.78 21.55 9.87
C LYS A 202 -13.85 21.05 10.98
N ARG A 203 -13.26 19.87 10.80
CA ARG A 203 -12.38 19.31 11.82
C ARG A 203 -11.19 20.26 12.05
N ALA A 204 -10.73 20.89 10.97
CA ALA A 204 -9.57 21.79 11.06
C ALA A 204 -9.99 23.17 11.52
N ALA A 205 -11.22 23.56 11.17
CA ALA A 205 -11.67 24.90 11.52
C ALA A 205 -12.15 25.02 12.95
N GLU A 206 -12.77 23.95 13.48
CA GLU A 206 -13.48 23.98 14.77
C GLU A 206 -13.25 22.73 15.58
N GLY A 207 -12.81 21.66 14.91
CA GLY A 207 -12.77 20.35 15.55
C GLY A 207 -11.45 20.02 16.21
N ALA A 208 -11.16 18.73 16.31
CA ALA A 208 -9.97 18.21 16.98
C ALA A 208 -8.62 18.57 16.37
N ASP A 209 -8.57 19.15 15.17
CA ASP A 209 -7.28 19.60 14.63
C ASP A 209 -7.20 21.12 14.59
N SER A 210 -8.17 21.82 15.16
CA SER A 210 -8.22 23.27 14.98
C SER A 210 -7.04 23.96 15.67
N TYR A 211 -6.53 23.33 16.73
CA TYR A 211 -5.41 23.89 17.48
C TYR A 211 -4.17 24.04 16.60
N LEU A 212 -4.09 23.24 15.54
CA LEU A 212 -2.95 23.30 14.62
C LEU A 212 -2.90 24.60 13.79
N TRP A 213 -4.01 24.93 13.13
CA TRP A 213 -4.03 25.93 12.07
C TRP A 213 -5.09 27.05 12.16
N ALA A 214 -6.07 26.91 13.04
CA ALA A 214 -7.18 27.86 13.09
C ALA A 214 -6.80 29.11 13.90
N GLY A 215 -6.08 30.02 13.25
CA GLY A 215 -5.60 31.23 13.88
C GLY A 215 -4.37 31.75 13.17
N PRO A 216 -3.98 32.98 13.48
CA PRO A 216 -2.86 33.66 12.83
C PRO A 216 -1.51 33.06 13.28
N THR A 217 -0.52 33.17 12.40
CA THR A 217 0.83 32.75 12.71
C THR A 217 1.33 33.49 13.93
N ALA A 218 1.78 32.75 14.94
CA ALA A 218 2.24 33.35 16.18
C ALA A 218 3.75 33.52 16.20
N VAL A 219 4.45 32.91 15.26
CA VAL A 219 5.91 32.93 15.31
C VAL A 219 6.56 33.97 14.40
N GLU A 220 7.50 34.72 14.95
CA GLU A 220 8.42 35.50 14.16
C GLU A 220 9.82 34.95 14.41
N ALA A 221 10.13 33.84 13.76
CA ALA A 221 11.39 33.13 13.96
C ALA A 221 12.51 33.80 13.20
N ASP A 222 13.21 34.68 13.89
CA ASP A 222 14.37 35.36 13.33
C ASP A 222 15.55 35.17 14.27
N SER A 223 16.32 34.12 14.02
CA SER A 223 17.43 33.77 14.89
C SER A 223 18.35 32.83 14.14
N ASP A 224 19.61 32.73 14.59
CA ASP A 224 20.53 31.87 13.89
C ASP A 224 20.43 30.41 14.32
N PHE A 225 19.58 30.10 15.31
CA PHE A 225 19.28 28.71 15.66
C PHE A 225 17.77 28.53 15.93
N ILE A 226 17.08 27.87 15.01
CA ILE A 226 15.62 27.73 15.07
C ILE A 226 15.21 26.26 15.07
N VAL A 227 14.44 25.85 16.07
CA VAL A 227 13.87 24.51 16.01
C VAL A 227 12.34 24.45 16.05
N PHE A 228 11.79 23.76 15.06
CA PHE A 228 10.37 23.54 14.90
C PHE A 228 10.05 22.18 15.44
N ASP A 229 9.46 22.16 16.62
CA ASP A 229 9.23 20.91 17.29
C ASP A 229 7.83 20.47 16.95
N VAL A 230 7.71 19.30 16.35
CA VAL A 230 6.43 18.77 15.97
C VAL A 230 6.27 17.43 16.63
N HIS A 231 6.87 17.31 17.82
CA HIS A 231 6.87 16.04 18.57
C HIS A 231 5.48 15.62 19.04
N ASP A 232 4.66 16.59 19.42
CA ASP A 232 3.36 16.28 19.98
C ASP A 232 2.42 15.75 18.91
N LEU A 233 2.94 15.48 17.72
CA LEU A 233 2.13 14.86 16.66
C LEU A 233 2.40 13.37 16.44
N GLN A 234 3.46 12.82 17.03
CA GLN A 234 3.88 11.45 16.71
C GLN A 234 2.81 10.37 16.95
N ASN A 235 1.75 10.72 17.66
CA ASN A 235 0.63 9.80 17.87
C ASN A 235 -0.58 10.26 17.07
N ALA A 236 -0.41 11.33 16.31
CA ALA A 236 -1.49 11.85 15.47
C ALA A 236 -1.66 10.96 14.23
N GLU A 237 -2.81 11.07 13.59
CA GLU A 237 -3.08 10.33 12.35
C GLU A 237 -2.14 10.77 11.24
N ASP A 238 -1.86 9.83 10.33
CA ASP A 238 -0.88 10.03 9.27
C ASP A 238 -1.07 11.31 8.46
N GLN A 239 -2.29 11.57 8.04
CA GLN A 239 -2.57 12.74 7.23
C GLN A 239 -2.30 14.05 7.99
N VAL A 240 -2.54 14.06 9.30
CA VAL A 240 -2.17 15.21 10.15
C VAL A 240 -0.65 15.40 10.25
N LYS A 241 0.05 14.32 10.56
CA LYS A 241 1.52 14.29 10.57
C LYS A 241 2.07 14.93 9.32
N ARG A 242 1.55 14.48 8.18
CA ARG A 242 2.12 14.88 6.91
C ARG A 242 1.78 16.31 6.58
N ALA A 243 0.52 16.68 6.79
CA ALA A 243 0.08 18.02 6.46
C ALA A 243 0.82 19.05 7.30
N GLN A 244 0.98 18.78 8.60
CA GLN A 244 1.68 19.74 9.44
C GLN A 244 3.18 19.76 9.12
N TYR A 245 3.76 18.59 8.82
CA TYR A 245 5.19 18.55 8.48
C TYR A 245 5.41 19.40 7.24
N PHE A 246 4.58 19.20 6.22
CA PHE A 246 4.61 20.01 5.02
C PHE A 246 4.45 21.50 5.29
N ASN A 247 3.43 21.87 6.06
CA ASN A 247 3.21 23.27 6.44
C ASN A 247 4.44 23.94 7.11
N VAL A 248 5.02 23.25 8.08
CA VAL A 248 6.22 23.72 8.76
C VAL A 248 7.42 23.78 7.82
N LEU A 249 7.63 22.75 7.00
CA LEU A 249 8.69 22.76 6.00
C LEU A 249 8.57 23.96 5.03
N SER A 250 7.35 24.31 4.64
CA SER A 250 7.13 25.40 3.71
C SER A 250 7.39 26.77 4.39
N PHE A 251 7.00 26.85 5.65
CA PHE A 251 7.35 28.01 6.46
C PHE A 251 8.87 28.19 6.66
N ALA A 252 9.53 27.11 7.05
CA ALA A 252 10.97 27.18 7.31
C ALA A 252 11.75 27.50 6.03
N TRP A 253 11.30 26.92 4.92
CA TRP A 253 11.91 27.22 3.64
C TRP A 253 11.75 28.71 3.35
N ASN A 254 10.58 29.24 3.69
CA ASN A 254 10.36 30.67 3.48
C ASN A 254 11.33 31.51 4.31
N ILE A 255 11.58 31.08 5.54
CA ILE A 255 12.55 31.78 6.37
C ILE A 255 13.90 31.82 5.66
N LEU A 256 14.39 30.66 5.24
CA LEU A 256 15.70 30.65 4.57
C LEU A 256 15.72 31.52 3.31
N GLU A 257 14.60 31.63 2.60
CA GLU A 257 14.59 32.39 1.35
C GLU A 257 14.50 33.90 1.50
N ARG A 258 13.62 34.37 2.41
CA ARG A 258 13.48 35.82 2.65
C ARG A 258 14.76 36.49 3.16
N ASP A 259 15.25 36.06 4.32
CA ASP A 259 16.44 36.65 4.92
C ASP A 259 17.61 35.75 4.63
N ARG A 260 18.28 35.98 3.50
CA ARG A 260 19.04 34.91 2.85
C ARG A 260 20.56 34.94 3.00
N ARG A 261 21.05 34.79 4.23
CA ARG A 261 22.50 34.69 4.44
C ARG A 261 23.04 33.33 4.01
N GLU A 262 24.34 33.25 3.81
CA GLU A 262 24.95 32.04 3.26
C GLU A 262 25.25 31.00 4.32
N ARG A 263 25.36 29.74 3.90
CA ARG A 263 25.70 28.65 4.81
C ARG A 263 24.59 28.36 5.83
N THR A 264 23.34 28.68 5.52
CA THR A 264 22.24 28.23 6.39
C THR A 264 22.03 26.73 6.18
N VAL A 265 21.91 25.98 7.26
CA VAL A 265 21.69 24.56 7.21
C VAL A 265 20.21 24.30 7.56
N LEU A 266 19.47 23.65 6.68
CA LEU A 266 18.09 23.28 6.92
C LEU A 266 18.03 21.75 7.17
N VAL A 267 17.54 21.35 8.33
CA VAL A 267 17.54 19.94 8.71
C VAL A 267 16.12 19.39 8.76
N VAL A 268 15.85 18.34 7.98
CA VAL A 268 14.58 17.63 8.08
C VAL A 268 14.77 16.25 8.71
N ASP A 269 14.45 16.18 9.99
CA ASP A 269 14.55 14.97 10.78
C ASP A 269 13.27 14.12 10.57
N GLU A 270 13.43 12.81 10.64
CA GLU A 270 12.38 11.85 10.31
C GLU A 270 11.63 12.27 9.04
N ALA A 271 12.39 12.49 7.99
CA ALA A 271 11.82 12.95 6.74
C ALA A 271 10.80 11.99 6.11
N TRP A 272 10.87 10.70 6.48
CA TRP A 272 9.93 9.71 5.94
C TRP A 272 8.50 10.11 6.22
N MSE A 273 8.32 10.92 7.25
CA MSE A 273 6.99 11.31 7.66
C MSE A 273 6.33 12.15 6.58
O MSE A 273 5.12 12.31 6.55
CB MSE A 273 7.05 12.07 8.96
CG MSE A 273 7.30 11.20 10.19
SE MSE A 273 7.25 12.34 11.77
CE MSE A 273 6.01 13.65 11.05
N LEU A 274 7.14 12.68 5.68
CA LEU A 274 6.65 13.58 4.65
C LEU A 274 6.18 12.81 3.41
N VAL A 275 6.45 11.51 3.36
CA VAL A 275 6.16 10.73 2.15
C VAL A 275 4.71 10.28 2.10
N ASP A 276 4.05 10.53 0.97
CA ASP A 276 2.67 10.07 0.77
C ASP A 276 2.45 9.60 -0.69
N PRO A 277 2.25 8.30 -0.86
CA PRO A 277 2.08 7.68 -2.19
C PRO A 277 1.02 8.38 -3.05
N GLN A 278 0.01 8.95 -2.41
CA GLN A 278 -1.03 9.66 -3.14
C GLN A 278 -0.77 11.15 -3.32
N THR A 279 0.17 11.70 -2.54
CA THR A 279 0.62 13.07 -2.79
C THR A 279 2.15 13.17 -2.89
N PRO A 280 2.72 12.60 -3.95
CA PRO A 280 4.18 12.62 -4.10
C PRO A 280 4.74 14.03 -4.19
N GLN A 281 3.89 15.02 -4.45
CA GLN A 281 4.34 16.41 -4.52
C GLN A 281 5.03 16.96 -3.26
N ALA A 282 4.84 16.34 -2.10
CA ALA A 282 5.42 16.87 -0.88
C ALA A 282 6.92 16.56 -0.92
N ILE A 283 7.24 15.31 -1.24
CA ILE A 283 8.61 14.89 -1.42
C ILE A 283 9.23 15.64 -2.59
N ALA A 284 8.46 15.86 -3.66
CA ALA A 284 8.98 16.64 -4.78
C ALA A 284 9.36 18.04 -4.33
N PHE A 285 8.53 18.63 -3.46
CA PHE A 285 8.83 19.89 -2.80
C PHE A 285 10.17 19.85 -2.03
N LEU A 286 10.40 18.77 -1.29
CA LEU A 286 11.67 18.59 -0.58
C LEU A 286 12.83 18.53 -1.61
N ARG A 287 12.64 17.78 -2.69
CA ARG A 287 13.65 17.65 -3.75
C ARG A 287 13.99 19.02 -4.34
N ASP A 288 12.96 19.78 -4.69
CA ASP A 288 13.11 21.14 -5.20
C ASP A 288 13.90 22.00 -4.20
N THR A 289 13.61 21.82 -2.92
CA THR A 289 14.36 22.51 -1.86
C THR A 289 15.85 22.13 -1.92
N SER A 290 16.10 20.85 -2.13
CA SER A 290 17.48 20.38 -2.15
C SER A 290 18.23 21.02 -3.31
N LYS A 291 17.54 21.34 -4.40
CA LYS A 291 18.23 22.01 -5.51
C LYS A 291 18.36 23.51 -5.32
N ARG A 292 17.27 24.17 -4.96
CA ARG A 292 17.30 25.62 -4.84
C ARG A 292 18.18 26.11 -3.70
N ILE A 293 18.39 25.27 -2.69
CA ILE A 293 19.15 25.75 -1.54
C ILE A 293 20.62 26.10 -1.91
N ARG A 294 21.13 25.45 -2.95
CA ARG A 294 22.48 25.75 -3.43
C ARG A 294 22.56 27.21 -3.89
N LYS A 295 21.44 27.75 -4.36
CA LYS A 295 21.40 29.11 -4.87
C LYS A 295 21.63 30.15 -3.77
N TYR A 296 21.46 29.75 -2.52
CA TYR A 296 21.78 30.62 -1.38
C TYR A 296 23.02 30.11 -0.64
N ASN A 297 23.76 29.21 -1.26
CA ASN A 297 24.89 28.55 -0.60
C ASN A 297 24.52 27.98 0.77
N GLY A 298 23.34 27.37 0.88
CA GLY A 298 22.98 26.65 2.09
C GLY A 298 23.06 25.15 1.92
N SER A 299 22.59 24.42 2.92
CA SER A 299 22.68 22.97 2.99
C SER A 299 21.38 22.36 3.49
N LEU A 300 20.86 21.41 2.70
CA LEU A 300 19.74 20.60 3.15
C LEU A 300 20.24 19.27 3.71
N ILE A 301 19.87 18.98 4.95
CA ILE A 301 20.24 17.73 5.59
C ILE A 301 19.01 16.87 5.85
N VAL A 302 18.97 15.71 5.19
CA VAL A 302 17.83 14.81 5.36
C VAL A 302 18.23 13.70 6.32
N ILE A 303 17.48 13.54 7.41
CA ILE A 303 17.82 12.53 8.40
C ILE A 303 16.63 11.59 8.50
N SER A 304 16.87 10.29 8.52
CA SER A 304 15.74 9.38 8.44
C SER A 304 16.03 7.90 8.65
N GLN A 305 15.03 7.23 9.18
CA GLN A 305 14.94 5.77 9.12
C GLN A 305 14.00 5.43 7.97
N ASN A 306 13.50 4.20 7.90
CA ASN A 306 12.50 3.86 6.87
C ASN A 306 12.90 4.28 5.46
N VAL A 307 14.09 3.94 5.02
CA VAL A 307 14.53 4.38 3.70
C VAL A 307 13.61 3.86 2.58
N ILE A 308 13.11 2.63 2.71
CA ILE A 308 12.27 2.09 1.64
C ILE A 308 11.05 2.98 1.35
N ASP A 309 10.54 3.72 2.34
CA ASP A 309 9.39 4.60 2.07
C ASP A 309 9.68 5.60 0.94
N PHE A 310 10.95 6.02 0.80
CA PHE A 310 11.32 6.98 -0.25
C PHE A 310 11.47 6.33 -1.61
N LEU A 311 11.46 5.01 -1.64
CA LEU A 311 11.76 4.29 -2.86
C LEU A 311 10.52 3.61 -3.45
N ALA A 312 9.37 3.74 -2.79
CA ALA A 312 8.13 3.19 -3.32
C ALA A 312 7.80 3.81 -4.68
N PRO A 313 7.20 3.02 -5.58
CA PRO A 313 6.92 3.41 -6.97
C PRO A 313 6.33 4.82 -7.15
N GLU A 314 5.33 5.20 -6.37
CA GLU A 314 4.76 6.54 -6.51
C GLU A 314 5.70 7.73 -6.22
N VAL A 315 6.73 7.53 -5.42
CA VAL A 315 7.54 8.66 -4.96
C VAL A 315 9.01 8.56 -5.35
N GLN A 316 9.41 7.37 -5.78
CA GLN A 316 10.80 7.06 -6.10
C GLN A 316 11.46 8.04 -7.08
N ARG A 317 10.72 8.55 -8.04
CA ARG A 317 11.29 9.54 -8.94
C ARG A 317 11.96 10.65 -8.10
N TYR A 318 11.28 11.09 -7.05
CA TYR A 318 11.75 12.18 -6.19
C TYR A 318 12.60 11.64 -5.06
N GLY A 319 12.24 10.48 -4.53
CA GLY A 319 12.91 9.96 -3.36
C GLY A 319 14.35 9.56 -3.67
N GLN A 320 14.53 9.00 -4.86
CA GLN A 320 15.84 8.51 -5.23
C GLN A 320 16.82 9.66 -5.35
N ALA A 321 16.43 10.70 -6.08
CA ALA A 321 17.28 11.85 -6.22
C ALA A 321 17.49 12.46 -4.84
N LEU A 322 16.41 12.60 -4.06
CA LEU A 322 16.52 13.21 -2.73
C LEU A 322 17.59 12.54 -1.87
N LEU A 323 17.62 11.21 -1.87
CA LEU A 323 18.58 10.47 -1.02
C LEU A 323 19.97 10.37 -1.64
N ASP A 324 20.04 10.39 -2.98
CA ASP A 324 21.29 10.00 -3.65
C ASP A 324 22.12 11.18 -4.19
N ASN A 325 21.46 12.26 -4.61
CA ASN A 325 22.16 13.45 -5.07
C ASN A 325 23.05 14.17 -4.03
N PRO A 326 22.77 14.01 -2.72
CA PRO A 326 23.66 14.83 -1.89
C PRO A 326 25.13 14.41 -1.94
N THR A 327 26.02 15.39 -1.95
CA THR A 327 27.45 15.16 -1.91
C THR A 327 27.89 14.35 -0.68
N TYR A 328 27.29 14.64 0.49
CA TYR A 328 27.67 13.97 1.73
C TYR A 328 26.62 13.00 2.22
N LYS A 329 27.06 11.83 2.68
CA LYS A 329 26.13 10.84 3.25
C LYS A 329 26.72 10.20 4.49
N LEU A 330 25.86 9.87 5.43
CA LEU A 330 26.27 9.11 6.61
C LEU A 330 25.31 7.93 6.71
N LEU A 331 25.85 6.74 6.54
CA LEU A 331 25.07 5.52 6.69
C LEU A 331 25.55 4.78 7.92
N LEU A 332 24.67 4.66 8.89
CA LEU A 332 25.01 3.93 10.10
C LEU A 332 24.40 2.53 10.02
N ALA A 333 24.21 1.90 11.18
CA ALA A 333 23.57 0.59 11.20
C ALA A 333 22.19 0.70 10.57
N GLN A 334 21.85 -0.29 9.74
CA GLN A 334 20.61 -0.26 8.97
C GLN A 334 19.64 -1.39 9.33
N GLY A 335 18.36 -1.18 9.06
CA GLY A 335 17.42 -2.28 9.06
C GLY A 335 17.59 -3.16 7.81
N GLU A 336 17.31 -4.45 7.97
N GLU A 336 17.26 -4.45 7.95
CA GLU A 336 17.41 -5.42 6.90
CA GLU A 336 17.45 -5.44 6.87
C GLU A 336 16.99 -4.89 5.51
C GLU A 336 16.96 -5.00 5.49
N LYS A 337 15.70 -4.61 5.37
CA LYS A 337 15.15 -4.08 4.12
C LYS A 337 15.87 -2.80 3.70
N ASP A 338 15.98 -1.86 4.64
CA ASP A 338 16.65 -0.59 4.35
C ASP A 338 18.05 -0.87 3.78
N LEU A 339 18.72 -1.88 4.34
CA LEU A 339 20.08 -2.19 3.95
C LEU A 339 20.13 -2.70 2.53
N GLU A 340 19.19 -3.55 2.16
CA GLU A 340 19.20 -4.07 0.80
C GLU A 340 18.89 -2.94 -0.19
N ALA A 341 17.84 -2.16 0.10
CA ALA A 341 17.50 -1.06 -0.77
C ALA A 341 18.66 -0.06 -0.92
N ILE A 342 19.43 0.12 0.14
CA ILE A 342 20.53 1.09 0.13
C ILE A 342 21.71 0.52 -0.65
N THR A 343 22.00 -0.75 -0.40
CA THR A 343 23.09 -1.46 -1.04
C THR A 343 22.88 -1.36 -2.53
N THR A 344 21.63 -1.55 -2.97
CA THR A 344 21.32 -1.46 -4.39
C THR A 344 21.40 -0.03 -4.89
N LEU A 345 20.73 0.89 -4.20
CA LEU A 345 20.65 2.26 -4.68
C LEU A 345 22.02 2.92 -4.83
N MSE A 346 22.93 2.63 -3.91
CA MSE A 346 24.22 3.32 -3.88
C MSE A 346 25.36 2.40 -4.24
O MSE A 346 26.53 2.72 -4.03
CB MSE A 346 24.46 3.92 -2.49
CG MSE A 346 23.41 4.95 -2.08
SE MSE A 346 23.78 5.72 -0.35
CE MSE A 346 22.23 6.91 -0.18
N ASN A 347 25.02 1.25 -4.79
CA ASN A 347 26.02 0.31 -5.23
C ASN A 347 27.10 0.14 -4.18
N LEU A 348 26.70 -0.32 -3.00
CA LEU A 348 27.65 -0.68 -1.96
C LEU A 348 28.35 -1.99 -2.33
N SER A 349 29.63 -2.09 -1.96
CA SER A 349 30.38 -3.31 -2.17
C SER A 349 30.02 -4.24 -1.03
N GLU A 350 30.38 -5.51 -1.14
CA GLU A 350 30.08 -6.45 -0.08
C GLU A 350 30.81 -6.04 1.19
N ALA A 351 31.97 -5.42 1.05
CA ALA A 351 32.72 -4.95 2.20
C ALA A 351 31.92 -3.85 2.89
N GLU A 352 31.44 -2.90 2.09
CA GLU A 352 30.62 -1.81 2.62
C GLU A 352 29.34 -2.33 3.26
N HIS A 353 28.61 -3.17 2.53
CA HIS A 353 27.38 -3.80 3.01
C HIS A 353 27.58 -4.47 4.38
N ASP A 354 28.64 -5.26 4.48
CA ASP A 354 28.95 -5.96 5.73
C ASP A 354 29.32 -4.96 6.83
N LEU A 355 30.14 -3.98 6.47
CA LEU A 355 30.50 -2.90 7.36
C LEU A 355 29.21 -2.41 8.04
N LEU A 356 28.19 -2.12 7.25
CA LEU A 356 26.92 -1.67 7.80
C LEU A 356 26.29 -2.76 8.68
N VAL A 357 26.22 -3.99 8.17
CA VAL A 357 25.68 -5.10 8.94
C VAL A 357 26.15 -5.09 10.41
N ASN A 358 27.47 -5.08 10.62
CA ASN A 358 28.01 -5.11 11.98
C ASN A 358 28.60 -3.77 12.50
N ALA A 359 27.84 -2.69 12.34
CA ALA A 359 28.28 -1.37 12.82
C ALA A 359 27.74 -1.02 14.21
N LYS A 360 28.64 -0.65 15.10
CA LYS A 360 28.27 -0.20 16.42
C LYS A 360 27.71 1.21 16.33
N ARG A 361 27.25 1.76 17.46
CA ARG A 361 26.62 3.07 17.44
C ARG A 361 27.62 4.17 17.09
N GLY A 362 27.21 5.09 16.22
CA GLY A 362 28.07 6.17 15.79
C GLY A 362 29.10 5.79 14.74
N GLU A 363 29.13 4.51 14.37
CA GLU A 363 30.06 3.98 13.38
C GLU A 363 29.34 3.72 12.05
N GLY A 364 30.04 3.82 10.94
CA GLY A 364 29.44 3.48 9.65
C GLY A 364 30.20 3.95 8.42
N LEU A 365 29.48 4.27 7.35
CA LEU A 365 30.09 4.80 6.14
C LEU A 365 29.85 6.30 5.96
N PHE A 366 30.95 7.01 5.77
CA PHE A 366 30.91 8.41 5.37
C PHE A 366 31.21 8.55 3.88
N VAL A 367 30.31 9.25 3.18
CA VAL A 367 30.47 9.53 1.77
C VAL A 367 30.68 11.02 1.57
N ALA A 368 31.70 11.35 0.81
CA ALA A 368 31.97 12.69 0.37
C ALA A 368 32.21 12.57 -1.14
N GLY A 369 31.20 12.95 -1.93
CA GLY A 369 31.28 12.86 -3.38
C GLY A 369 31.35 11.39 -3.82
N THR A 370 32.44 10.98 -4.46
CA THR A 370 32.58 9.56 -4.79
C THR A 370 33.47 8.84 -3.78
N GLN A 371 33.93 9.52 -2.73
CA GLN A 371 34.74 8.83 -1.73
C GLN A 371 33.88 8.26 -0.63
N ARG A 372 34.12 7.00 -0.26
CA ARG A 372 33.38 6.33 0.78
C ARG A 372 34.33 5.64 1.72
N ILE A 373 34.21 5.91 3.01
CA ILE A 373 35.15 5.35 3.96
C ILE A 373 34.46 4.95 5.26
N HIS A 374 35.10 4.02 5.98
CA HIS A 374 34.67 3.69 7.33
C HIS A 374 34.89 4.91 8.21
N ILE A 375 33.92 5.25 9.04
CA ILE A 375 34.06 6.35 10.00
C ILE A 375 33.53 6.00 11.40
N LYS A 376 34.10 6.65 12.41
CA LYS A 376 33.54 6.59 13.76
C LYS A 376 33.42 7.99 14.31
N ILE A 377 32.21 8.37 14.68
CA ILE A 377 31.95 9.73 15.15
C ILE A 377 32.02 9.76 16.66
N GLU A 378 32.60 10.83 17.21
CA GLU A 378 32.64 10.97 18.67
C GLU A 378 32.76 12.42 19.12
N ALA A 379 32.20 12.70 20.30
CA ALA A 379 32.09 14.06 20.83
C ALA A 379 33.20 14.41 21.81
N ALA A 380 33.72 15.63 21.68
CA ALA A 380 34.56 16.22 22.70
C ALA A 380 33.72 16.32 23.98
N PRO A 381 34.40 16.30 25.15
CA PRO A 381 33.72 16.41 26.45
C PRO A 381 32.90 17.70 26.59
N TYR A 382 33.45 18.82 26.12
CA TYR A 382 32.74 20.09 26.20
C TYR A 382 31.47 20.11 25.33
N GLU A 383 31.41 19.22 24.35
CA GLU A 383 30.25 19.12 23.48
C GLU A 383 29.15 18.30 24.14
N MSE A 384 29.41 17.73 25.31
CA MSE A 384 28.42 16.88 25.95
C MSE A 384 27.24 17.67 26.52
O MSE A 384 26.12 17.16 26.56
CB MSE A 384 29.05 16.03 27.07
CG MSE A 384 30.19 15.12 26.62
SE MSE A 384 29.69 13.77 25.30
CE MSE A 384 31.30 12.67 25.38
N GLN A 385 27.49 18.90 26.97
CA GLN A 385 26.44 19.73 27.54
C GLN A 385 25.23 19.78 26.61
N TYR A 386 25.51 19.81 25.31
CA TYR A 386 24.48 19.86 24.28
C TYR A 386 23.94 18.46 23.93
N ALA B 2 25.00 -14.51 -27.25
CA ALA B 2 24.39 -15.76 -27.70
C ALA B 2 23.41 -15.60 -28.88
N SER B 3 23.03 -14.35 -29.16
CA SER B 3 22.18 -14.00 -30.30
C SER B 3 20.69 -14.46 -30.27
N GLY B 4 20.30 -15.32 -31.20
CA GLY B 4 18.87 -15.58 -31.43
C GLY B 4 18.23 -16.68 -30.62
N ILE B 5 16.92 -16.86 -30.77
CA ILE B 5 16.20 -17.92 -30.07
C ILE B 5 15.43 -18.83 -31.02
N ASN B 6 16.03 -19.98 -31.28
CA ASN B 6 15.48 -20.93 -32.23
C ASN B 6 15.72 -22.32 -31.68
N ASP B 7 14.72 -22.83 -30.98
CA ASP B 7 14.74 -24.20 -30.54
C ASP B 7 14.47 -25.01 -31.81
N GLY B 8 14.52 -26.32 -31.74
CA GLY B 8 14.38 -27.07 -32.98
C GLY B 8 12.95 -27.03 -33.44
N SER B 9 12.08 -27.47 -32.55
CA SER B 9 10.67 -27.45 -32.78
C SER B 9 10.09 -26.43 -31.80
N GLY B 10 8.79 -26.23 -31.85
CA GLY B 10 8.11 -25.29 -30.98
C GLY B 10 7.10 -24.51 -31.78
N ILE B 11 6.85 -23.28 -31.37
CA ILE B 11 5.89 -22.44 -32.07
C ILE B 11 6.63 -21.17 -32.47
N VAL B 12 6.27 -20.59 -33.61
CA VAL B 12 6.84 -19.30 -33.98
C VAL B 12 6.18 -18.22 -33.14
N LEU B 13 7.00 -17.40 -32.47
CA LEU B 13 6.49 -16.32 -31.64
C LEU B 13 6.39 -15.08 -32.50
N GLY B 14 7.51 -14.75 -33.16
CA GLY B 14 7.59 -13.63 -34.07
C GLY B 14 8.99 -13.50 -34.66
N LYS B 15 9.55 -12.29 -34.60
CA LYS B 15 10.77 -11.96 -35.34
C LYS B 15 11.82 -11.16 -34.56
N ASP B 16 13.08 -11.45 -34.85
CA ASP B 16 14.25 -10.76 -34.31
C ASP B 16 14.44 -9.35 -34.84
N ARG B 17 15.35 -8.62 -34.20
CA ARG B 17 15.77 -7.34 -34.73
C ARG B 17 16.41 -7.58 -36.09
N ASP B 18 17.18 -8.67 -36.18
CA ASP B 18 17.86 -9.02 -37.43
C ASP B 18 16.94 -9.68 -38.45
N GLY B 19 15.70 -9.94 -38.05
CA GLY B 19 14.70 -10.49 -38.96
C GLY B 19 14.57 -12.01 -38.90
N GLY B 20 15.35 -12.63 -38.02
CA GLY B 20 15.32 -14.08 -37.88
C GLY B 20 14.14 -14.58 -37.07
N LEU B 21 13.55 -15.68 -37.52
CA LEU B 21 12.39 -16.27 -36.83
C LEU B 21 12.71 -16.67 -35.40
N VAL B 22 11.88 -16.26 -34.45
CA VAL B 22 12.01 -16.77 -33.09
C VAL B 22 11.02 -17.91 -32.87
N LEU B 23 11.56 -19.05 -32.49
CA LEU B 23 10.84 -20.31 -32.48
C LEU B 23 11.09 -20.91 -31.13
N VAL B 24 10.04 -21.17 -30.37
CA VAL B 24 10.24 -21.56 -28.99
C VAL B 24 9.47 -22.81 -28.62
N ASP B 25 10.19 -23.76 -28.04
CA ASP B 25 9.63 -24.98 -27.50
C ASP B 25 9.45 -24.80 -26.00
N ILE B 26 8.23 -24.47 -25.62
CA ILE B 26 7.88 -24.02 -24.27
C ILE B 26 8.00 -25.18 -23.28
N TRP B 27 8.09 -26.39 -23.82
CA TRP B 27 8.09 -27.58 -22.99
C TRP B 27 9.51 -28.09 -22.76
N LYS B 28 10.47 -27.36 -23.32
CA LYS B 28 11.88 -27.74 -23.21
C LYS B 28 12.30 -27.83 -21.74
N ARG B 29 13.26 -28.71 -21.46
CA ARG B 29 13.81 -28.88 -20.12
C ARG B 29 15.31 -29.03 -20.23
N GLY B 30 16.05 -28.35 -19.35
CA GLY B 30 17.49 -28.46 -19.35
C GLY B 30 18.13 -27.09 -19.48
N GLY B 31 19.35 -26.96 -18.97
CA GLY B 31 20.00 -25.67 -18.95
C GLY B 31 19.13 -24.66 -18.24
N ASP B 32 19.05 -23.45 -18.81
CA ASP B 32 18.29 -22.36 -18.22
C ASP B 32 16.78 -22.46 -18.52
N ARG B 33 16.33 -23.61 -19.03
CA ARG B 33 14.88 -23.82 -19.28
C ARG B 33 14.29 -24.81 -18.28
N THR B 34 13.89 -24.32 -17.11
CA THR B 34 13.56 -25.20 -15.99
C THR B 34 12.06 -25.36 -15.75
N ASN B 35 11.27 -24.49 -16.35
CA ASN B 35 9.83 -24.62 -16.24
C ASN B 35 9.17 -24.11 -17.53
N SER B 36 7.85 -24.23 -17.62
CA SER B 36 7.13 -23.83 -18.84
C SER B 36 6.27 -22.62 -18.60
N ASN B 37 6.56 -21.86 -17.53
CA ASN B 37 5.69 -20.75 -17.16
C ASN B 37 6.02 -19.45 -17.90
N TRP B 38 5.00 -18.59 -18.01
CA TRP B 38 5.09 -17.29 -18.66
C TRP B 38 4.65 -16.13 -17.74
N THR B 39 5.31 -15.00 -17.87
CA THR B 39 4.84 -13.75 -17.34
C THR B 39 4.67 -12.79 -18.53
N ILE B 40 3.46 -12.30 -18.74
CA ILE B 40 3.20 -11.30 -19.78
C ILE B 40 2.72 -9.97 -19.14
N LEU B 41 3.54 -8.94 -19.28
CA LEU B 41 3.36 -7.71 -18.52
C LEU B 41 3.35 -6.52 -19.45
N ALA B 42 2.34 -5.67 -19.31
CA ALA B 42 2.25 -4.49 -20.15
C ALA B 42 1.06 -3.63 -19.77
N LYS B 43 1.14 -2.36 -20.11
CA LYS B 43 0.04 -1.41 -19.90
C LYS B 43 -1.08 -1.75 -20.86
N PRO B 44 -2.31 -1.35 -20.52
CA PRO B 44 -3.44 -1.58 -21.42
C PRO B 44 -3.17 -1.06 -22.83
N GLY B 45 -3.55 -1.84 -23.83
CA GLY B 45 -3.41 -1.43 -25.21
C GLY B 45 -2.01 -1.70 -25.77
N ALA B 46 -1.15 -2.32 -24.97
CA ALA B 46 0.17 -2.70 -25.49
C ALA B 46 0.11 -3.94 -26.39
N GLY B 47 -1.01 -4.65 -26.35
CA GLY B 47 -1.18 -5.84 -27.16
C GLY B 47 -1.01 -7.18 -26.46
N LYS B 48 -1.21 -7.21 -25.14
CA LYS B 48 -1.03 -8.45 -24.36
C LYS B 48 -1.99 -9.55 -24.82
N SER B 49 -3.25 -9.19 -24.97
CA SER B 49 -4.29 -10.14 -25.38
C SER B 49 -4.00 -10.72 -26.76
N PHE B 50 -3.55 -9.86 -27.68
CA PHE B 50 -3.23 -10.28 -29.03
C PHE B 50 -2.11 -11.32 -29.00
N THR B 51 -1.01 -10.99 -28.34
CA THR B 51 0.13 -11.90 -28.29
C THR B 51 -0.21 -13.21 -27.58
N ALA B 52 -1.04 -13.10 -26.56
CA ALA B 52 -1.46 -14.27 -25.81
C ALA B 52 -2.38 -15.17 -26.66
N LYS B 53 -3.28 -14.56 -27.40
CA LYS B 53 -4.16 -15.32 -28.27
C LYS B 53 -3.34 -16.10 -29.29
N MSE B 54 -2.33 -15.46 -29.85
CA MSE B 54 -1.47 -16.13 -30.81
C MSE B 54 -0.67 -17.28 -30.17
O MSE B 54 -0.62 -18.40 -30.71
CB MSE B 54 -0.52 -15.12 -31.46
CG MSE B 54 -1.26 -14.03 -32.21
SE MSE B 54 -2.34 -14.76 -33.68
CE MSE B 54 -4.00 -15.19 -32.74
N LEU B 55 -0.09 -17.00 -29.02
CA LEU B 55 0.63 -18.01 -28.26
C LEU B 55 -0.23 -19.24 -27.99
N LEU B 56 -1.44 -18.99 -27.48
CA LEU B 56 -2.37 -20.02 -27.03
C LEU B 56 -2.95 -20.80 -28.21
N LEU B 57 -3.31 -20.10 -29.29
CA LEU B 57 -3.77 -20.76 -30.52
C LEU B 57 -2.68 -21.70 -31.06
N ARG B 58 -1.44 -21.20 -31.10
CA ARG B 58 -0.34 -22.03 -31.60
C ARG B 58 -0.04 -23.25 -30.69
N GLU B 59 -0.12 -23.09 -29.36
CA GLU B 59 0.12 -24.24 -28.46
C GLU B 59 -1.04 -25.22 -28.54
N TYR B 60 -2.24 -24.68 -28.65
CA TYR B 60 -3.46 -25.45 -28.79
C TYR B 60 -3.42 -26.33 -30.05
N MSE B 61 -3.15 -25.74 -31.20
CA MSE B 61 -3.02 -26.54 -32.42
C MSE B 61 -2.02 -27.67 -32.30
O MSE B 61 -2.04 -28.62 -33.07
CB MSE B 61 -2.65 -25.65 -33.60
CG MSE B 61 -3.87 -24.98 -34.17
SE MSE B 61 -3.45 -23.62 -35.42
CE MSE B 61 -5.27 -23.23 -36.01
N GLN B 62 -1.15 -27.56 -31.32
CA GLN B 62 -0.08 -28.54 -31.15
C GLN B 62 -0.50 -29.58 -30.14
N GLY B 63 -1.74 -29.49 -29.65
CA GLY B 63 -2.27 -30.46 -28.70
C GLY B 63 -2.40 -30.06 -27.22
N SER B 64 -2.08 -28.80 -26.89
CA SER B 64 -2.26 -28.32 -25.51
C SER B 64 -3.73 -28.07 -25.16
N ARG B 65 -4.18 -28.56 -24.01
CA ARG B 65 -5.44 -28.04 -23.45
C ARG B 65 -5.21 -26.64 -22.90
N VAL B 66 -6.24 -25.81 -22.97
CA VAL B 66 -6.13 -24.45 -22.52
C VAL B 66 -7.28 -24.17 -21.55
N ILE B 67 -6.96 -23.49 -20.46
CA ILE B 67 -7.93 -23.07 -19.47
C ILE B 67 -7.65 -21.59 -19.15
N ILE B 68 -8.61 -20.71 -19.44
CA ILE B 68 -8.41 -19.29 -19.26
C ILE B 68 -9.36 -18.70 -18.21
N ILE B 69 -8.81 -17.97 -17.24
CA ILE B 69 -9.65 -17.09 -16.43
C ILE B 69 -9.62 -15.69 -17.06
N ASP B 70 -10.79 -15.22 -17.46
CA ASP B 70 -10.95 -14.05 -18.34
C ASP B 70 -11.91 -12.98 -17.79
N PRO B 71 -11.36 -11.95 -17.12
CA PRO B 71 -12.28 -10.90 -16.63
C PRO B 71 -12.52 -9.80 -17.65
N GLU B 72 -11.86 -9.88 -18.79
CA GLU B 72 -12.01 -8.85 -19.83
C GLU B 72 -12.94 -9.28 -20.95
N ARG B 73 -13.32 -10.55 -20.98
CA ARG B 73 -14.03 -11.10 -22.12
C ARG B 73 -13.22 -10.96 -23.42
N GLU B 74 -11.91 -11.14 -23.32
CA GLU B 74 -11.05 -11.11 -24.50
C GLU B 74 -10.99 -12.45 -25.23
N TYR B 75 -11.48 -13.52 -24.63
CA TYR B 75 -11.25 -14.85 -25.18
C TYR B 75 -12.51 -15.63 -25.56
N LYS B 76 -13.66 -15.00 -25.40
CA LYS B 76 -14.95 -15.59 -25.78
C LYS B 76 -15.06 -16.01 -27.25
N GLU B 77 -14.76 -15.08 -28.15
CA GLU B 77 -14.81 -15.33 -29.61
C GLU B 77 -13.83 -16.41 -30.09
N MSE B 78 -12.61 -16.41 -29.54
CA MSE B 78 -11.65 -17.47 -29.84
C MSE B 78 -12.17 -18.82 -29.35
O MSE B 78 -12.02 -19.82 -30.04
CB MSE B 78 -10.30 -17.16 -29.20
CG MSE B 78 -9.36 -18.35 -29.17
SE MSE B 78 -7.53 -17.80 -28.72
CE MSE B 78 -6.60 -19.48 -28.85
N CYS B 79 -12.79 -18.85 -28.17
CA CYS B 79 -13.40 -20.06 -27.63
C CYS B 79 -14.50 -20.56 -28.59
N ARG B 80 -15.25 -19.63 -29.16
CA ARG B 80 -16.32 -19.97 -30.09
C ARG B 80 -15.77 -20.58 -31.39
N LYS B 81 -14.83 -19.88 -32.02
CA LYS B 81 -14.23 -20.40 -33.26
C LYS B 81 -13.51 -21.75 -33.10
N LEU B 82 -13.18 -22.10 -31.85
CA LEU B 82 -12.45 -23.33 -31.55
C LEU B 82 -13.39 -24.42 -31.03
N GLY B 83 -14.67 -24.08 -30.85
CA GLY B 83 -15.63 -25.03 -30.29
C GLY B 83 -15.30 -25.42 -28.86
N GLY B 84 -14.83 -24.46 -28.07
CA GLY B 84 -14.50 -24.73 -26.69
C GLY B 84 -15.71 -24.54 -25.80
N VAL B 85 -15.52 -24.57 -24.50
CA VAL B 85 -16.61 -24.26 -23.57
C VAL B 85 -16.42 -22.91 -22.91
N TRP B 86 -17.34 -22.01 -23.22
CA TRP B 86 -17.39 -20.70 -22.58
C TRP B 86 -18.35 -20.74 -21.39
N ILE B 87 -17.89 -20.26 -20.24
CA ILE B 87 -18.68 -20.33 -19.01
C ILE B 87 -18.77 -18.98 -18.32
N ASN B 88 -19.98 -18.47 -18.18
CA ASN B 88 -20.16 -17.21 -17.48
C ASN B 88 -20.26 -17.43 -15.96
N CYS B 89 -19.15 -17.21 -15.26
CA CYS B 89 -19.13 -17.43 -13.82
C CYS B 89 -19.75 -16.30 -13.02
N THR B 90 -21.01 -16.02 -13.28
CA THR B 90 -21.77 -15.06 -12.50
C THR B 90 -23.19 -15.57 -12.34
N GLY B 91 -23.34 -16.68 -11.61
CA GLY B 91 -24.65 -17.27 -11.39
C GLY B 91 -25.18 -18.09 -12.55
N GLY B 92 -26.31 -18.76 -12.30
CA GLY B 92 -26.97 -19.59 -13.29
C GLY B 92 -26.20 -20.86 -13.59
N GLU B 93 -25.94 -21.10 -14.86
CA GLU B 93 -25.25 -22.30 -15.31
C GLU B 93 -23.76 -22.26 -14.97
N GLY B 94 -23.27 -21.08 -14.60
CA GLY B 94 -21.87 -20.92 -14.26
C GLY B 94 -21.63 -20.70 -12.77
N LYS B 95 -22.58 -21.16 -11.96
CA LYS B 95 -22.41 -21.06 -10.51
C LYS B 95 -21.29 -21.96 -9.98
N ILE B 96 -20.41 -21.38 -9.18
CA ILE B 96 -19.39 -22.20 -8.53
C ILE B 96 -19.51 -22.02 -7.04
N ASN B 97 -19.84 -23.10 -6.36
CA ASN B 97 -20.04 -23.13 -4.92
C ASN B 97 -18.71 -23.13 -4.18
N PRO B 98 -18.41 -22.05 -3.43
CA PRO B 98 -17.12 -21.98 -2.73
C PRO B 98 -16.97 -23.11 -1.74
N LEU B 99 -18.07 -23.62 -1.19
CA LEU B 99 -18.00 -24.66 -0.17
C LEU B 99 -17.73 -26.06 -0.73
N GLN B 100 -17.88 -26.25 -2.04
CA GLN B 100 -17.57 -27.56 -2.60
C GLN B 100 -16.07 -27.82 -2.56
N VAL B 101 -15.70 -28.91 -1.89
CA VAL B 101 -14.33 -29.22 -1.64
C VAL B 101 -13.57 -29.58 -2.91
N ARG B 102 -12.37 -29.04 -3.06
CA ARG B 102 -11.49 -29.42 -4.15
C ARG B 102 -10.03 -29.35 -3.75
N LEU B 103 -9.18 -29.80 -4.66
CA LEU B 103 -7.76 -29.95 -4.43
C LEU B 103 -7.04 -28.60 -4.38
N ARG B 104 -6.09 -28.49 -3.45
CA ARG B 104 -5.18 -27.36 -3.34
C ARG B 104 -3.87 -27.73 -4.03
N PRO B 105 -3.15 -26.73 -4.54
CA PRO B 105 -1.84 -26.93 -5.16
C PRO B 105 -0.75 -27.23 -4.14
N VAL B 106 -1.07 -28.07 -3.16
CA VAL B 106 -0.10 -28.57 -2.18
C VAL B 106 0.92 -29.46 -2.88
N VAL B 115 1.90 -39.42 4.89
CA VAL B 115 1.14 -38.53 5.75
C VAL B 115 -0.24 -38.23 5.16
N PHE B 116 -1.30 -38.68 5.84
CA PHE B 116 -2.68 -38.46 5.38
C PHE B 116 -3.12 -37.01 5.52
N GLN B 117 -3.60 -36.44 4.42
CA GLN B 117 -4.12 -35.09 4.41
C GLN B 117 -5.62 -35.13 4.22
N SER B 118 -6.35 -34.47 5.12
CA SER B 118 -7.81 -34.38 4.99
C SER B 118 -8.20 -33.38 3.89
N PRO B 119 -9.00 -33.84 2.90
CA PRO B 119 -9.44 -32.92 1.86
C PRO B 119 -10.26 -31.79 2.44
N LEU B 120 -11.12 -32.10 3.40
CA LEU B 120 -11.90 -31.06 4.04
C LEU B 120 -10.97 -30.07 4.77
N ALA B 121 -9.96 -30.55 5.46
CA ALA B 121 -9.06 -29.66 6.21
C ALA B 121 -8.34 -28.66 5.29
N LEU B 122 -7.72 -29.20 4.24
CA LEU B 122 -7.10 -28.37 3.21
C LEU B 122 -8.08 -27.38 2.59
N HIS B 123 -9.29 -27.85 2.30
CA HIS B 123 -10.23 -26.95 1.66
C HIS B 123 -10.65 -25.85 2.61
N ILE B 124 -10.74 -26.17 3.89
CA ILE B 124 -11.06 -25.17 4.92
C ILE B 124 -9.95 -24.11 4.88
N GLN B 125 -8.71 -24.57 4.68
CA GLN B 125 -7.60 -23.63 4.49
C GLN B 125 -7.85 -22.70 3.32
N THR B 126 -8.33 -23.25 2.20
CA THR B 126 -8.62 -22.43 1.02
C THR B 126 -9.73 -21.42 1.33
N LEU B 127 -10.67 -21.86 2.16
CA LEU B 127 -11.82 -21.04 2.50
C LEU B 127 -11.46 -19.87 3.41
N ARG B 128 -10.45 -20.04 4.26
CA ARG B 128 -9.97 -18.90 5.06
C ARG B 128 -9.63 -17.76 4.13
N THR B 129 -8.87 -18.10 3.08
CA THR B 129 -8.47 -17.11 2.10
C THR B 129 -9.67 -16.50 1.38
N PHE B 130 -10.54 -17.36 0.85
CA PHE B 130 -11.76 -16.87 0.15
C PHE B 130 -12.52 -15.86 1.02
N PHE B 131 -12.81 -16.26 2.25
CA PHE B 131 -13.62 -15.42 3.14
C PHE B 131 -12.90 -14.15 3.61
N SER B 132 -11.57 -14.19 3.68
CA SER B 132 -10.86 -12.96 4.02
C SER B 132 -10.78 -12.01 2.84
N LEU B 133 -10.87 -12.57 1.64
CA LEU B 133 -10.97 -11.71 0.47
C LEU B 133 -12.33 -11.02 0.44
N TYR B 134 -13.38 -11.77 0.72
CA TYR B 134 -14.74 -11.22 0.64
C TYR B 134 -15.09 -10.35 1.89
N LEU B 135 -14.61 -10.78 3.06
CA LEU B 135 -14.95 -10.10 4.32
C LEU B 135 -13.66 -9.56 4.93
N ARG B 136 -13.32 -8.32 4.62
CA ARG B 136 -11.97 -7.83 4.88
C ARG B 136 -11.68 -7.45 6.34
N ASP B 137 -12.70 -7.43 7.19
CA ASP B 137 -12.51 -6.84 8.53
C ASP B 137 -12.87 -7.79 9.66
N LEU B 138 -12.76 -9.08 9.38
CA LEU B 138 -13.09 -10.12 10.36
C LEU B 138 -12.08 -10.09 11.50
N THR B 139 -12.55 -10.17 12.74
CA THR B 139 -11.67 -10.30 13.90
C THR B 139 -11.21 -11.74 14.07
N ASP B 140 -10.21 -11.97 14.91
CA ASP B 140 -9.73 -13.32 15.22
C ASP B 140 -10.87 -14.18 15.74
N THR B 141 -11.68 -13.59 16.62
CA THR B 141 -12.85 -14.26 17.15
C THR B 141 -13.80 -14.68 16.02
N GLU B 142 -14.09 -13.75 15.11
CA GLU B 142 -15.04 -14.01 14.02
C GLU B 142 -14.45 -15.02 13.04
N LYS B 143 -13.14 -14.97 12.79
CA LYS B 143 -12.50 -15.97 11.93
C LYS B 143 -12.59 -17.39 12.50
N ALA B 144 -12.32 -17.52 13.81
CA ALA B 144 -12.41 -18.84 14.45
C ALA B 144 -13.87 -19.31 14.47
N ALA B 145 -14.79 -18.35 14.58
CA ALA B 145 -16.19 -18.71 14.63
C ALA B 145 -16.70 -19.12 13.23
N LEU B 146 -16.18 -18.46 12.21
CA LEU B 146 -16.54 -18.76 10.83
C LEU B 146 -16.04 -20.16 10.52
N GLU B 147 -14.77 -20.42 10.83
CA GLU B 147 -14.21 -21.72 10.53
C GLU B 147 -14.94 -22.86 11.28
N ASP B 148 -15.30 -22.64 12.56
CA ASP B 148 -16.10 -23.65 13.24
C ASP B 148 -17.52 -23.81 12.65
N ALA B 149 -18.10 -22.71 12.19
CA ALA B 149 -19.38 -22.75 11.47
C ALA B 149 -19.26 -23.64 10.23
N LEU B 150 -18.22 -23.40 9.43
CA LEU B 150 -17.94 -24.25 8.27
C LEU B 150 -17.87 -25.71 8.69
N VAL B 151 -17.05 -26.01 9.69
CA VAL B 151 -16.95 -27.41 10.11
C VAL B 151 -18.33 -28.01 10.42
N GLU B 152 -19.13 -27.29 11.21
CA GLU B 152 -20.41 -27.84 11.64
C GLU B 152 -21.38 -27.99 10.46
N VAL B 153 -21.37 -27.01 9.57
CA VAL B 153 -22.20 -27.04 8.40
C VAL B 153 -21.85 -28.28 7.54
N TYR B 154 -20.57 -28.55 7.32
CA TYR B 154 -20.18 -29.77 6.59
C TYR B 154 -20.66 -31.01 7.32
N LYS B 155 -20.53 -30.99 8.64
CA LYS B 155 -20.97 -32.10 9.49
C LYS B 155 -22.46 -32.43 9.31
N GLU B 156 -23.31 -31.41 9.23
CA GLU B 156 -24.75 -31.63 9.13
C GLU B 156 -25.10 -32.17 7.74
N ALA B 157 -24.19 -31.96 6.79
CA ALA B 157 -24.32 -32.51 5.45
C ALA B 157 -23.64 -33.89 5.34
N GLY B 158 -23.18 -34.44 6.47
CA GLY B 158 -22.59 -35.76 6.48
C GLY B 158 -21.21 -35.81 5.87
N ILE B 159 -20.43 -34.74 6.06
CA ILE B 159 -19.09 -34.65 5.52
C ILE B 159 -18.12 -34.34 6.66
N THR B 160 -17.16 -35.21 6.90
CA THR B 160 -16.19 -34.99 7.98
C THR B 160 -14.78 -35.14 7.45
N TRP B 161 -13.83 -35.25 8.37
CA TRP B 161 -12.40 -35.16 8.04
C TRP B 161 -11.88 -36.31 7.16
N ASP B 162 -12.57 -37.45 7.17
CA ASP B 162 -12.11 -38.59 6.38
C ASP B 162 -12.85 -38.74 5.07
N THR B 163 -13.87 -37.89 4.85
CA THR B 163 -14.74 -38.02 3.68
C THR B 163 -13.98 -37.83 2.37
N ASP B 164 -14.18 -38.76 1.44
CA ASP B 164 -13.60 -38.63 0.11
C ASP B 164 -14.52 -37.74 -0.72
N PRO B 165 -14.04 -36.52 -1.05
CA PRO B 165 -14.90 -35.58 -1.75
C PRO B 165 -15.43 -36.12 -3.09
N ARG B 166 -14.71 -37.05 -3.70
CA ARG B 166 -15.15 -37.61 -4.99
C ARG B 166 -16.43 -38.44 -4.85
N GLY B 167 -16.77 -38.83 -3.63
CA GLY B 167 -17.96 -39.63 -3.37
C GLY B 167 -19.22 -38.83 -3.12
N VAL B 168 -19.10 -37.50 -3.00
CA VAL B 168 -20.28 -36.67 -2.78
C VAL B 168 -20.62 -35.83 -4.02
N PRO B 169 -21.91 -35.82 -4.41
CA PRO B 169 -22.40 -35.14 -5.62
C PRO B 169 -22.60 -33.65 -5.39
N ASN B 170 -22.61 -32.87 -6.46
CA ASN B 170 -22.66 -31.41 -6.31
C ASN B 170 -23.80 -30.92 -5.44
N ASP B 171 -24.97 -31.53 -5.58
CA ASP B 171 -26.12 -30.99 -4.88
C ASP B 171 -26.13 -31.35 -3.40
N LYS B 172 -25.18 -32.17 -2.97
CA LYS B 172 -25.06 -32.53 -1.55
C LYS B 172 -24.08 -31.69 -0.72
N TRP B 173 -23.37 -30.76 -1.34
CA TRP B 173 -22.48 -29.89 -0.56
C TRP B 173 -23.30 -28.81 0.13
N PRO B 174 -22.89 -28.39 1.34
CA PRO B 174 -23.56 -27.22 1.89
C PRO B 174 -23.20 -26.00 1.04
N THR B 175 -23.96 -24.92 1.22
CA THR B 175 -23.72 -23.69 0.49
C THR B 175 -23.70 -22.55 1.50
N VAL B 176 -23.43 -21.33 1.04
CA VAL B 176 -23.39 -20.19 1.95
C VAL B 176 -24.76 -20.01 2.60
N LYS B 177 -25.78 -20.61 2.01
CA LYS B 177 -27.11 -20.62 2.59
C LYS B 177 -27.06 -21.25 3.99
N GLU B 178 -26.56 -22.49 4.05
CA GLU B 178 -26.48 -23.22 5.32
C GLU B 178 -25.55 -22.53 6.32
N LEU B 179 -24.47 -21.93 5.82
CA LEU B 179 -23.49 -21.23 6.64
C LEU B 179 -24.18 -20.07 7.31
N TYR B 180 -24.92 -19.33 6.49
CA TYR B 180 -25.62 -18.15 6.96
C TYR B 180 -26.64 -18.51 8.04
N GLU B 181 -27.49 -19.48 7.74
CA GLU B 181 -28.57 -19.84 8.66
C GLU B 181 -28.02 -20.45 9.94
N TYR B 182 -26.95 -21.22 9.79
CA TYR B 182 -26.23 -21.74 10.95
C TYR B 182 -25.74 -20.59 11.86
N CYS B 183 -25.16 -19.53 11.26
CA CYS B 183 -24.64 -18.43 12.06
C CYS B 183 -25.74 -17.61 12.72
N VAL B 184 -26.88 -17.50 12.04
CA VAL B 184 -28.04 -16.87 12.64
C VAL B 184 -28.49 -17.64 13.90
N LYS B 185 -28.79 -18.93 13.72
CA LYS B 185 -29.18 -19.75 14.86
C LYS B 185 -28.17 -19.59 16.00
N LYS B 186 -26.89 -19.73 15.69
CA LYS B 186 -25.83 -19.60 16.69
C LYS B 186 -25.82 -18.21 17.36
N ALA B 187 -26.24 -17.19 16.62
CA ALA B 187 -26.27 -15.84 17.15
C ALA B 187 -27.37 -15.75 18.19
N GLU B 188 -28.37 -16.63 18.10
CA GLU B 188 -29.39 -16.64 19.17
C GLU B 188 -28.78 -16.74 20.57
N GLU B 189 -27.87 -17.70 20.79
CA GLU B 189 -27.28 -17.91 22.11
C GLU B 189 -25.94 -17.21 22.27
N ASN B 190 -25.31 -16.84 21.16
CA ASN B 190 -24.00 -16.21 21.19
C ASN B 190 -23.94 -14.94 20.34
N PRO B 191 -24.78 -13.95 20.65
CA PRO B 191 -24.91 -12.73 19.83
C PRO B 191 -23.62 -11.95 19.62
N GLU B 192 -22.71 -12.01 20.58
CA GLU B 192 -21.47 -11.24 20.48
C GLU B 192 -20.49 -11.86 19.49
N THR B 193 -20.25 -13.16 19.62
CA THR B 193 -19.42 -13.86 18.65
C THR B 193 -20.02 -13.87 17.22
N TYR B 194 -21.32 -14.16 17.10
CA TYR B 194 -21.89 -14.48 15.79
C TYR B 194 -22.84 -13.46 15.15
N GLY B 195 -23.21 -12.40 15.86
CA GLY B 195 -24.23 -11.50 15.35
C GLY B 195 -23.83 -10.79 14.07
N ARG B 196 -22.74 -10.05 14.19
CA ARG B 196 -22.18 -9.27 13.11
C ARG B 196 -21.81 -10.22 11.95
N LEU B 197 -21.23 -11.36 12.28
CA LEU B 197 -20.83 -12.31 11.26
C LEU B 197 -22.04 -12.84 10.47
N SER B 198 -23.17 -13.02 11.14
CA SER B 198 -24.39 -13.47 10.46
C SER B 198 -24.94 -12.37 9.55
N VAL B 199 -24.93 -11.13 10.03
CA VAL B 199 -25.29 -10.00 9.17
C VAL B 199 -24.40 -9.89 7.91
N LEU B 200 -23.10 -10.15 8.02
CA LEU B 200 -22.23 -10.14 6.84
C LEU B 200 -22.48 -11.31 5.89
N LEU B 201 -22.74 -12.50 6.42
CA LEU B 201 -23.04 -13.66 5.59
C LEU B 201 -24.34 -13.49 4.78
N LYS B 202 -25.28 -12.71 5.33
CA LYS B 202 -26.57 -12.53 4.67
C LYS B 202 -26.47 -12.04 3.21
N ARG B 203 -25.48 -11.19 2.94
CA ARG B 203 -25.34 -10.59 1.63
C ARG B 203 -25.02 -11.67 0.57
N ALA B 204 -24.27 -12.69 1.00
CA ALA B 204 -23.85 -13.80 0.16
C ALA B 204 -24.90 -14.90 0.12
N ALA B 205 -25.72 -15.01 1.16
CA ALA B 205 -26.76 -16.04 1.16
C ALA B 205 -28.05 -15.59 0.49
N GLU B 206 -28.50 -14.38 0.79
CA GLU B 206 -29.83 -13.91 0.36
C GLU B 206 -29.79 -12.53 -0.27
N GLY B 207 -28.63 -11.89 -0.21
CA GLY B 207 -28.53 -10.50 -0.67
C GLY B 207 -27.96 -10.34 -2.06
N ALA B 208 -27.33 -9.19 -2.27
CA ALA B 208 -26.90 -8.73 -3.58
C ALA B 208 -25.83 -9.61 -4.23
N ASP B 209 -25.12 -10.39 -3.43
CA ASP B 209 -24.03 -11.21 -3.95
C ASP B 209 -24.42 -12.67 -3.99
N SER B 210 -25.68 -12.96 -3.67
CA SER B 210 -26.07 -14.34 -3.47
C SER B 210 -26.17 -15.08 -4.82
N TYR B 211 -26.36 -14.34 -5.92
CA TYR B 211 -26.47 -14.99 -7.22
C TYR B 211 -25.13 -15.61 -7.62
N LEU B 212 -24.06 -15.19 -6.96
CA LEU B 212 -22.76 -15.78 -7.24
C LEU B 212 -22.59 -17.17 -6.65
N TRP B 213 -23.03 -17.36 -5.42
CA TRP B 213 -22.57 -18.48 -4.61
C TRP B 213 -23.68 -19.30 -3.96
N ALA B 214 -24.88 -18.74 -3.85
CA ALA B 214 -25.95 -19.43 -3.16
C ALA B 214 -26.59 -20.48 -4.07
N GLY B 215 -26.11 -21.71 -3.96
CA GLY B 215 -26.56 -22.79 -4.83
C GLY B 215 -25.41 -23.73 -5.13
N PRO B 216 -25.74 -24.94 -5.60
CA PRO B 216 -24.73 -25.98 -5.83
C PRO B 216 -23.92 -25.66 -7.08
N THR B 217 -22.66 -26.10 -7.12
CA THR B 217 -21.84 -25.91 -8.31
C THR B 217 -22.58 -26.45 -9.51
N ALA B 218 -22.84 -25.60 -10.51
CA ALA B 218 -23.54 -26.05 -11.72
C ALA B 218 -22.63 -26.18 -12.94
N VAL B 219 -21.42 -25.62 -12.88
CA VAL B 219 -20.60 -25.64 -14.08
C VAL B 219 -20.05 -27.04 -14.41
N GLU B 220 -20.23 -27.42 -15.67
CA GLU B 220 -19.70 -28.65 -16.21
C GLU B 220 -18.72 -28.26 -17.32
N ALA B 221 -17.44 -28.56 -17.11
CA ALA B 221 -16.40 -28.10 -18.02
C ALA B 221 -15.45 -29.23 -18.36
N ASP B 222 -15.76 -29.93 -19.43
CA ASP B 222 -14.93 -31.00 -19.94
C ASP B 222 -14.63 -30.68 -21.40
N SER B 223 -13.43 -30.15 -21.65
CA SER B 223 -13.09 -29.68 -22.98
C SER B 223 -11.63 -29.26 -23.03
N ASP B 224 -11.09 -29.19 -24.23
CA ASP B 224 -9.69 -28.84 -24.39
C ASP B 224 -9.51 -27.32 -24.50
N PHE B 225 -10.61 -26.57 -24.42
CA PHE B 225 -10.53 -25.10 -24.44
C PHE B 225 -11.64 -24.51 -23.61
N ILE B 226 -11.30 -24.16 -22.38
CA ILE B 226 -12.27 -23.71 -21.41
C ILE B 226 -12.02 -22.24 -21.05
N VAL B 227 -13.05 -21.40 -21.13
CA VAL B 227 -12.83 -20.08 -20.60
C VAL B 227 -13.86 -19.76 -19.54
N PHE B 228 -13.34 -19.26 -18.42
CA PHE B 228 -14.14 -18.87 -17.29
C PHE B 228 -14.20 -17.36 -17.35
N ASP B 229 -15.39 -16.86 -17.68
CA ASP B 229 -15.61 -15.43 -17.90
C ASP B 229 -16.13 -14.85 -16.61
N VAL B 230 -15.44 -13.82 -16.13
CA VAL B 230 -15.91 -13.13 -14.93
C VAL B 230 -16.02 -11.65 -15.21
N HIS B 231 -16.22 -11.31 -16.48
CA HIS B 231 -16.31 -9.93 -16.95
C HIS B 231 -17.53 -9.17 -16.40
N ASP B 232 -18.66 -9.86 -16.26
CA ASP B 232 -19.87 -9.20 -15.75
C ASP B 232 -19.66 -8.61 -14.37
N LEU B 233 -18.56 -8.98 -13.73
CA LEU B 233 -18.27 -8.50 -12.39
C LEU B 233 -17.38 -7.27 -12.38
N GLN B 234 -17.21 -6.61 -13.52
CA GLN B 234 -16.15 -5.59 -13.63
C GLN B 234 -16.46 -4.30 -12.89
N ASN B 235 -17.73 -4.07 -12.61
CA ASN B 235 -18.17 -2.89 -11.90
C ASN B 235 -18.64 -3.25 -10.49
N ALA B 236 -18.25 -4.43 -10.05
CA ALA B 236 -18.57 -4.86 -8.70
C ALA B 236 -17.51 -4.33 -7.73
N GLU B 237 -17.83 -4.36 -6.44
CA GLU B 237 -16.85 -3.98 -5.42
C GLU B 237 -15.61 -4.88 -5.44
N ASP B 238 -14.46 -4.30 -5.10
CA ASP B 238 -13.17 -5.00 -5.19
C ASP B 238 -13.19 -6.35 -4.45
N GLN B 239 -13.87 -6.40 -3.31
CA GLN B 239 -13.88 -7.61 -2.47
C GLN B 239 -14.56 -8.76 -3.20
N VAL B 240 -15.63 -8.42 -3.93
CA VAL B 240 -16.42 -9.44 -4.60
C VAL B 240 -15.63 -9.96 -5.79
N LYS B 241 -15.12 -9.04 -6.60
CA LYS B 241 -14.24 -9.40 -7.72
C LYS B 241 -13.10 -10.30 -7.28
N ARG B 242 -12.39 -9.93 -6.22
CA ARG B 242 -11.23 -10.75 -5.83
C ARG B 242 -11.67 -12.09 -5.29
N ALA B 243 -12.73 -12.08 -4.48
CA ALA B 243 -13.20 -13.34 -3.91
C ALA B 243 -13.62 -14.32 -5.01
N GLN B 244 -14.28 -13.82 -6.05
CA GLN B 244 -14.80 -14.70 -7.09
C GLN B 244 -13.66 -15.15 -7.98
N TYR B 245 -12.74 -14.23 -8.26
CA TYR B 245 -11.58 -14.59 -9.03
C TYR B 245 -10.92 -15.75 -8.33
N PHE B 246 -10.82 -15.65 -7.01
CA PHE B 246 -10.12 -16.69 -6.25
C PHE B 246 -10.93 -18.01 -6.28
N ASN B 247 -12.23 -17.91 -6.08
CA ASN B 247 -13.13 -19.07 -6.16
C ASN B 247 -12.92 -19.84 -7.49
N VAL B 248 -12.97 -19.09 -8.59
CA VAL B 248 -12.73 -19.64 -9.91
C VAL B 248 -11.32 -20.22 -10.10
N LEU B 249 -10.31 -19.52 -9.58
CA LEU B 249 -8.94 -19.99 -9.75
C LEU B 249 -8.81 -21.36 -9.08
N SER B 250 -9.40 -21.48 -7.92
CA SER B 250 -9.41 -22.71 -7.18
C SER B 250 -10.14 -23.82 -7.97
N PHE B 251 -11.26 -23.46 -8.61
CA PHE B 251 -12.03 -24.42 -9.38
C PHE B 251 -11.23 -24.95 -10.60
N ALA B 252 -10.60 -24.01 -11.32
CA ALA B 252 -9.77 -24.31 -12.49
C ALA B 252 -8.58 -25.16 -12.14
N TRP B 253 -7.84 -24.75 -11.10
CA TRP B 253 -6.72 -25.57 -10.63
C TRP B 253 -7.22 -26.97 -10.36
N ASN B 254 -8.36 -27.07 -9.67
CA ASN B 254 -8.92 -28.39 -9.41
C ASN B 254 -9.10 -29.21 -10.69
N ILE B 255 -9.62 -28.58 -11.74
CA ILE B 255 -9.79 -29.32 -13.00
C ILE B 255 -8.45 -29.83 -13.52
N LEU B 256 -7.44 -28.96 -13.49
CA LEU B 256 -6.14 -29.37 -13.99
C LEU B 256 -5.56 -30.54 -13.20
N GLU B 257 -5.69 -30.52 -11.89
CA GLU B 257 -5.02 -31.54 -11.10
C GLU B 257 -5.81 -32.84 -10.97
N ARG B 258 -7.12 -32.77 -11.14
CA ARG B 258 -7.96 -33.97 -11.06
C ARG B 258 -7.78 -34.83 -12.29
N ASP B 259 -7.88 -34.24 -13.48
CA ASP B 259 -7.59 -34.98 -14.70
C ASP B 259 -6.30 -34.46 -15.32
N ARG B 260 -5.22 -35.19 -15.07
CA ARG B 260 -3.86 -34.66 -15.23
C ARG B 260 -3.29 -34.71 -16.65
N ARG B 261 -4.05 -34.22 -17.63
CA ARG B 261 -3.56 -34.18 -19.01
C ARG B 261 -2.24 -33.41 -19.06
N GLU B 262 -1.28 -33.88 -19.87
CA GLU B 262 0.01 -33.19 -20.00
C GLU B 262 -0.12 -31.99 -20.92
N ARG B 263 0.71 -30.97 -20.67
CA ARG B 263 0.69 -29.76 -21.50
C ARG B 263 -0.56 -28.91 -21.37
N THR B 264 -1.22 -28.95 -20.23
CA THR B 264 -2.34 -28.03 -20.01
C THR B 264 -1.76 -26.65 -19.69
N VAL B 265 -2.24 -25.62 -20.39
CA VAL B 265 -1.87 -24.24 -20.16
C VAL B 265 -2.97 -23.58 -19.30
N LEU B 266 -2.61 -23.12 -18.11
CA LEU B 266 -3.56 -22.39 -17.26
C LEU B 266 -3.30 -20.88 -17.36
N VAL B 267 -4.27 -20.12 -17.86
CA VAL B 267 -4.08 -18.69 -18.07
C VAL B 267 -4.84 -17.86 -17.03
N VAL B 268 -4.13 -16.99 -16.30
CA VAL B 268 -4.79 -16.07 -15.39
C VAL B 268 -4.64 -14.63 -15.87
N ASP B 269 -5.67 -14.16 -16.57
CA ASP B 269 -5.62 -12.84 -17.14
C ASP B 269 -5.94 -11.77 -16.08
N GLU B 270 -5.40 -10.57 -16.25
CA GLU B 270 -5.51 -9.50 -15.24
C GLU B 270 -5.33 -10.04 -13.82
N ALA B 271 -4.24 -10.77 -13.64
CA ALA B 271 -3.96 -11.43 -12.39
C ALA B 271 -3.81 -10.45 -11.22
N TRP B 272 -3.53 -9.17 -11.51
CA TRP B 272 -3.35 -8.18 -10.45
C TRP B 272 -4.60 -8.15 -9.58
N MSE B 273 -5.71 -8.61 -10.14
CA MSE B 273 -6.97 -8.54 -9.43
C MSE B 273 -6.99 -9.47 -8.22
O MSE B 273 -7.77 -9.28 -7.30
CB MSE B 273 -8.14 -8.86 -10.33
CG MSE B 273 -8.54 -7.71 -11.23
SE MSE B 273 -9.81 -8.29 -12.63
CE MSE B 273 -10.91 -9.49 -11.57
N LEU B 274 -6.15 -10.50 -8.23
CA LEU B 274 -6.10 -11.39 -7.09
C LEU B 274 -5.41 -10.69 -5.90
N VAL B 275 -4.65 -9.63 -6.17
CA VAL B 275 -3.77 -9.05 -5.16
C VAL B 275 -4.54 -8.26 -4.11
N ASP B 276 -4.43 -8.68 -2.86
CA ASP B 276 -4.96 -7.91 -1.72
C ASP B 276 -3.90 -7.86 -0.60
N PRO B 277 -3.38 -6.66 -0.31
CA PRO B 277 -2.31 -6.50 0.70
C PRO B 277 -2.65 -7.10 2.06
N GLN B 278 -3.93 -7.06 2.43
N GLN B 278 -3.95 -7.08 2.40
CA GLN B 278 -4.35 -7.65 3.70
CA GLN B 278 -4.41 -7.62 3.68
C GLN B 278 -4.42 -9.17 3.65
C GLN B 278 -4.77 -9.10 3.60
N THR B 279 -4.56 -9.72 2.45
CA THR B 279 -4.70 -11.17 2.29
C THR B 279 -3.75 -11.68 1.21
N PRO B 280 -2.43 -11.63 1.48
CA PRO B 280 -1.48 -12.07 0.46
C PRO B 280 -1.57 -13.55 0.16
N GLN B 281 -2.32 -14.30 0.95
CA GLN B 281 -2.45 -15.74 0.72
C GLN B 281 -3.04 -16.11 -0.67
N ALA B 282 -3.80 -15.20 -1.26
CA ALA B 282 -4.32 -15.44 -2.62
C ALA B 282 -3.18 -15.53 -3.65
N ILE B 283 -2.25 -14.57 -3.58
CA ILE B 283 -1.08 -14.60 -4.44
C ILE B 283 -0.19 -15.80 -4.10
N ALA B 284 -0.16 -16.23 -2.84
CA ALA B 284 0.66 -17.38 -2.50
C ALA B 284 0.08 -18.62 -3.16
N PHE B 285 -1.25 -18.67 -3.23
CA PHE B 285 -1.91 -19.76 -3.91
C PHE B 285 -1.46 -19.74 -5.38
N LEU B 286 -1.49 -18.56 -5.99
CA LEU B 286 -0.99 -18.45 -7.37
C LEU B 286 0.45 -18.94 -7.53
N ARG B 287 1.34 -18.56 -6.58
CA ARG B 287 2.73 -18.99 -6.66
C ARG B 287 2.91 -20.52 -6.49
N ASP B 288 2.09 -21.08 -5.61
CA ASP B 288 2.10 -22.52 -5.41
C ASP B 288 1.66 -23.22 -6.70
N THR B 289 0.62 -22.71 -7.35
CA THR B 289 0.19 -23.22 -8.65
C THR B 289 1.36 -23.19 -9.64
N SER B 290 2.10 -22.09 -9.64
CA SER B 290 3.24 -21.95 -10.52
C SER B 290 4.24 -23.08 -10.32
N LYS B 291 4.43 -23.50 -9.06
CA LYS B 291 5.32 -24.64 -8.82
C LYS B 291 4.70 -26.01 -9.12
N ARG B 292 3.50 -26.24 -8.60
CA ARG B 292 2.86 -27.56 -8.72
C ARG B 292 2.58 -27.92 -10.16
N ILE B 293 2.30 -26.92 -11.01
CA ILE B 293 1.92 -27.21 -12.39
C ILE B 293 3.06 -27.83 -13.20
N ARG B 294 4.28 -27.75 -12.67
CA ARG B 294 5.42 -28.38 -13.35
C ARG B 294 5.32 -29.89 -13.24
N LYS B 295 4.77 -30.37 -12.13
CA LYS B 295 4.68 -31.80 -11.87
C LYS B 295 3.73 -32.52 -12.83
N TYR B 296 2.81 -31.77 -13.43
CA TYR B 296 1.88 -32.35 -14.40
C TYR B 296 2.26 -31.91 -15.79
N ASN B 297 3.49 -31.42 -15.95
CA ASN B 297 3.96 -30.92 -17.22
C ASN B 297 3.01 -29.93 -17.87
N GLY B 298 2.47 -29.01 -17.06
CA GLY B 298 1.64 -27.91 -17.54
C GLY B 298 2.35 -26.56 -17.51
N SER B 299 1.64 -25.52 -17.92
CA SER B 299 2.16 -24.17 -17.99
C SER B 299 1.19 -23.15 -17.35
N LEU B 300 1.70 -22.33 -16.41
CA LEU B 300 0.92 -21.18 -15.87
C LEU B 300 1.29 -19.90 -16.61
N ILE B 301 0.31 -19.26 -17.24
CA ILE B 301 0.56 -17.97 -17.84
C ILE B 301 -0.13 -16.84 -17.07
N VAL B 302 0.68 -15.97 -16.49
CA VAL B 302 0.19 -14.81 -15.76
C VAL B 302 0.22 -13.61 -16.72
N ILE B 303 -0.93 -12.96 -16.91
CA ILE B 303 -0.98 -11.84 -17.82
C ILE B 303 -1.52 -10.68 -17.02
N SER B 304 -0.84 -9.55 -17.07
CA SER B 304 -1.29 -8.44 -16.25
C SER B 304 -0.65 -7.09 -16.56
N GLN B 305 -1.42 -6.05 -16.29
CA GLN B 305 -0.87 -4.71 -16.10
C GLN B 305 -0.68 -4.52 -14.58
N ASN B 306 -0.54 -3.27 -14.16
CA ASN B 306 -0.36 -2.98 -12.72
C ASN B 306 0.70 -3.83 -12.04
N VAL B 307 1.90 -3.96 -12.62
CA VAL B 307 2.90 -4.81 -11.97
C VAL B 307 3.31 -4.39 -10.54
N ILE B 308 3.30 -3.08 -10.25
CA ILE B 308 3.65 -2.65 -8.89
C ILE B 308 2.80 -3.31 -7.80
N ASP B 309 1.51 -3.61 -8.10
CA ASP B 309 0.64 -4.26 -7.11
C ASP B 309 1.27 -5.55 -6.57
N PHE B 310 2.02 -6.26 -7.41
CA PHE B 310 2.58 -7.55 -7.02
C PHE B 310 3.79 -7.43 -6.13
N LEU B 311 4.30 -6.20 -6.02
CA LEU B 311 5.61 -5.98 -5.44
C LEU B 311 5.51 -5.13 -4.18
N ALA B 312 4.29 -4.84 -3.76
CA ALA B 312 4.04 -4.10 -2.53
C ALA B 312 4.54 -4.92 -1.35
N PRO B 313 4.93 -4.24 -0.25
CA PRO B 313 5.61 -4.89 0.89
C PRO B 313 4.89 -6.14 1.39
N GLU B 314 3.58 -6.10 1.58
CA GLU B 314 2.85 -7.25 2.12
C GLU B 314 2.80 -8.47 1.20
N VAL B 315 3.01 -8.27 -0.10
CA VAL B 315 2.78 -9.36 -1.04
C VAL B 315 4.02 -9.79 -1.83
N GLN B 316 5.06 -8.96 -1.81
CA GLN B 316 6.20 -9.18 -2.70
C GLN B 316 6.95 -10.50 -2.47
N ARG B 317 6.85 -11.05 -1.27
CA ARG B 317 7.45 -12.35 -1.00
C ARG B 317 6.95 -13.36 -2.06
N TYR B 318 5.64 -13.37 -2.25
CA TYR B 318 4.98 -14.19 -3.25
C TYR B 318 4.99 -13.56 -4.66
N GLY B 319 4.78 -12.25 -4.72
CA GLY B 319 4.62 -11.58 -6.01
C GLY B 319 5.87 -11.64 -6.87
N GLN B 320 7.00 -11.33 -6.27
CA GLN B 320 8.23 -11.30 -7.02
C GLN B 320 8.60 -12.66 -7.59
N ALA B 321 8.48 -13.71 -6.80
CA ALA B 321 8.79 -15.03 -7.29
C ALA B 321 7.79 -15.38 -8.41
N LEU B 322 6.53 -15.02 -8.19
CA LEU B 322 5.51 -15.24 -9.20
C LEU B 322 5.89 -14.64 -10.54
N LEU B 323 6.29 -13.37 -10.53
CA LEU B 323 6.52 -12.66 -11.78
C LEU B 323 7.84 -13.05 -12.42
N ASP B 324 8.80 -13.41 -11.57
CA ASP B 324 10.19 -13.55 -12.00
C ASP B 324 10.74 -14.97 -12.17
N ASN B 325 10.23 -15.94 -11.42
CA ASN B 325 10.62 -17.32 -11.66
C ASN B 325 10.26 -17.92 -13.03
N PRO B 326 9.21 -17.42 -13.70
CA PRO B 326 8.89 -18.06 -15.00
C PRO B 326 10.05 -18.08 -16.00
N THR B 327 10.23 -19.21 -16.67
CA THR B 327 11.25 -19.33 -17.70
C THR B 327 11.03 -18.31 -18.82
N TYR B 328 9.78 -18.12 -19.22
CA TYR B 328 9.48 -17.23 -20.35
C TYR B 328 8.82 -15.94 -19.92
N LYS B 329 9.21 -14.84 -20.52
CA LYS B 329 8.48 -13.60 -20.25
C LYS B 329 8.30 -12.80 -21.53
N LEU B 330 7.19 -12.10 -21.62
CA LEU B 330 7.02 -11.09 -22.64
C LEU B 330 6.71 -9.77 -21.94
N LEU B 331 7.60 -8.80 -22.16
CA LEU B 331 7.44 -7.47 -21.63
C LEU B 331 7.18 -6.51 -22.78
N LEU B 332 5.99 -5.95 -22.84
CA LEU B 332 5.65 -5.02 -23.91
C LEU B 332 5.81 -3.59 -23.37
N ALA B 333 5.13 -2.63 -24.00
CA ALA B 333 5.20 -1.25 -23.52
C ALA B 333 4.67 -1.15 -22.09
N GLN B 334 5.38 -0.39 -21.26
CA GLN B 334 5.06 -0.33 -19.84
C GLN B 334 4.65 1.05 -19.40
N GLY B 335 3.90 1.14 -18.31
CA GLY B 335 3.63 2.40 -17.66
C GLY B 335 4.89 2.97 -17.03
N GLU B 336 4.82 4.21 -16.59
CA GLU B 336 5.92 4.87 -15.91
C GLU B 336 6.49 4.04 -14.73
N LYS B 337 5.66 3.78 -13.73
CA LYS B 337 6.07 3.08 -12.52
C LYS B 337 6.39 1.59 -12.74
N ASP B 338 5.53 0.91 -13.50
CA ASP B 338 5.76 -0.49 -13.83
C ASP B 338 7.13 -0.67 -14.47
N LEU B 339 7.52 0.25 -15.35
CA LEU B 339 8.78 0.11 -16.06
C LEU B 339 9.97 0.14 -15.10
N GLU B 340 9.96 1.07 -14.15
CA GLU B 340 10.99 1.14 -13.13
C GLU B 340 11.02 -0.11 -12.24
N ALA B 341 9.85 -0.56 -11.81
CA ALA B 341 9.79 -1.79 -11.02
C ALA B 341 10.36 -2.98 -11.81
N ILE B 342 10.02 -3.09 -13.09
CA ILE B 342 10.53 -4.17 -13.91
C ILE B 342 12.04 -4.05 -14.11
N THR B 343 12.49 -2.84 -14.45
CA THR B 343 13.90 -2.55 -14.62
C THR B 343 14.70 -3.04 -13.43
N THR B 344 14.24 -2.71 -12.23
CA THR B 344 14.91 -3.17 -11.03
C THR B 344 14.79 -4.68 -10.78
N LEU B 345 13.58 -5.21 -10.95
CA LEU B 345 13.30 -6.61 -10.65
C LEU B 345 14.03 -7.56 -11.58
N MSE B 346 14.27 -7.13 -12.81
CA MSE B 346 14.82 -8.01 -13.83
C MSE B 346 16.13 -7.52 -14.40
O MSE B 346 16.58 -8.00 -15.45
CB MSE B 346 13.79 -8.23 -14.95
CG MSE B 346 12.55 -8.99 -14.49
SE MSE B 346 11.20 -9.18 -15.89
CE MSE B 346 9.73 -9.91 -14.80
N ASN B 347 16.75 -6.55 -13.74
CA ASN B 347 18.08 -6.11 -14.13
C ASN B 347 18.15 -5.68 -15.58
N LEU B 348 17.09 -5.07 -16.07
CA LEU B 348 17.09 -4.55 -17.44
C LEU B 348 18.27 -3.62 -17.59
N SER B 349 19.00 -3.77 -18.69
CA SER B 349 20.07 -2.83 -19.00
C SER B 349 19.44 -1.52 -19.46
N GLU B 350 20.24 -0.45 -19.52
CA GLU B 350 19.73 0.83 -19.99
C GLU B 350 19.00 0.69 -21.34
N ALA B 351 19.62 -0.01 -22.27
CA ALA B 351 19.07 -0.15 -23.63
C ALA B 351 17.74 -0.89 -23.67
N GLU B 352 17.61 -1.93 -22.85
CA GLU B 352 16.36 -2.68 -22.77
C GLU B 352 15.26 -1.81 -22.18
N HIS B 353 15.60 -1.09 -21.12
CA HIS B 353 14.72 -0.11 -20.51
C HIS B 353 14.20 0.86 -21.56
N ASP B 354 15.11 1.34 -22.39
CA ASP B 354 14.77 2.30 -23.45
C ASP B 354 13.80 1.67 -24.43
N LEU B 355 14.18 0.49 -24.91
CA LEU B 355 13.38 -0.29 -25.84
C LEU B 355 11.94 -0.39 -25.34
N LEU B 356 11.79 -0.55 -24.02
CA LEU B 356 10.46 -0.66 -23.42
C LEU B 356 9.77 0.68 -23.29
N VAL B 357 10.53 1.75 -23.10
CA VAL B 357 9.91 3.09 -23.13
C VAL B 357 9.25 3.32 -24.49
N ASN B 358 9.97 3.04 -25.57
CA ASN B 358 9.48 3.38 -26.91
C ASN B 358 8.55 2.35 -27.60
N ALA B 359 8.64 1.09 -27.20
CA ALA B 359 7.99 -0.03 -27.89
C ALA B 359 6.64 0.26 -28.56
N LYS B 360 6.56 -0.03 -29.87
CA LYS B 360 5.28 0.02 -30.57
C LYS B 360 4.42 -1.17 -30.19
N ARG B 361 3.14 -1.12 -30.52
CA ARG B 361 2.20 -2.19 -30.14
C ARG B 361 2.66 -3.55 -30.68
N GLY B 362 2.51 -4.58 -29.85
CA GLY B 362 2.92 -5.93 -30.20
C GLY B 362 4.43 -6.12 -30.29
N GLU B 363 5.18 -5.21 -29.68
CA GLU B 363 6.63 -5.30 -29.71
C GLU B 363 7.20 -5.17 -28.31
N GLY B 364 8.38 -5.76 -28.06
CA GLY B 364 8.97 -5.65 -26.74
C GLY B 364 10.19 -6.52 -26.47
N LEU B 365 10.29 -7.01 -25.25
CA LEU B 365 11.39 -7.90 -24.85
C LEU B 365 10.85 -9.30 -24.62
N PHE B 366 11.43 -10.27 -25.32
CA PHE B 366 11.16 -11.68 -25.06
C PHE B 366 12.30 -12.28 -24.25
N VAL B 367 11.93 -12.96 -23.17
CA VAL B 367 12.89 -13.62 -22.29
C VAL B 367 12.65 -15.12 -22.36
N ALA B 368 13.72 -15.87 -22.60
CA ALA B 368 13.67 -17.33 -22.49
C ALA B 368 14.87 -17.78 -21.67
N GLY B 369 14.62 -18.23 -20.45
CA GLY B 369 15.70 -18.58 -19.55
C GLY B 369 16.53 -17.32 -19.32
N THR B 370 17.79 -17.33 -19.74
CA THR B 370 18.63 -16.14 -19.55
C THR B 370 18.71 -15.28 -20.82
N GLN B 371 18.14 -15.75 -21.92
CA GLN B 371 18.15 -14.97 -23.16
C GLN B 371 17.11 -13.87 -23.13
N ARG B 372 17.52 -12.69 -23.53
CA ARG B 372 16.62 -11.55 -23.58
C ARG B 372 16.84 -10.84 -24.88
N ILE B 373 15.84 -10.84 -25.74
CA ILE B 373 15.99 -10.28 -27.07
C ILE B 373 14.79 -9.42 -27.43
N HIS B 374 15.04 -8.41 -28.23
CA HIS B 374 14.00 -7.58 -28.80
C HIS B 374 13.15 -8.44 -29.71
N ILE B 375 11.82 -8.31 -29.60
CA ILE B 375 10.93 -9.13 -30.41
C ILE B 375 9.76 -8.32 -30.95
N LYS B 376 9.25 -8.81 -32.09
CA LYS B 376 8.08 -8.26 -32.76
C LYS B 376 7.11 -9.39 -33.03
N ILE B 377 5.92 -9.30 -32.44
CA ILE B 377 4.90 -10.34 -32.58
C ILE B 377 4.01 -10.07 -33.79
N GLU B 378 3.67 -11.11 -34.55
CA GLU B 378 2.73 -10.95 -35.65
C GLU B 378 1.97 -12.22 -36.01
N ALA B 379 0.75 -12.04 -36.51
CA ALA B 379 -0.11 -13.14 -36.91
C ALA B 379 -0.10 -13.33 -38.43
N ALA B 380 -0.13 -14.59 -38.84
CA ALA B 380 -0.45 -14.95 -40.21
C ALA B 380 -1.91 -14.60 -40.50
N PRO B 381 -2.24 -14.35 -41.77
CA PRO B 381 -3.61 -14.05 -42.21
C PRO B 381 -4.66 -15.03 -41.67
N TYR B 382 -4.43 -16.33 -41.86
CA TYR B 382 -5.42 -17.35 -41.49
C TYR B 382 -5.69 -17.38 -39.98
N GLU B 383 -4.72 -16.92 -39.21
CA GLU B 383 -4.86 -16.89 -37.76
C GLU B 383 -5.83 -15.80 -37.34
N MSE B 384 -5.99 -14.78 -38.18
CA MSE B 384 -6.92 -13.70 -37.87
C MSE B 384 -8.35 -14.21 -37.59
O MSE B 384 -9.09 -13.61 -36.81
CB MSE B 384 -6.92 -12.64 -38.98
CG MSE B 384 -5.62 -11.85 -39.07
SE MSE B 384 -5.27 -10.77 -37.47
CE MSE B 384 -3.48 -10.10 -37.89
N GLN B 385 -8.70 -15.32 -38.24
CA GLN B 385 -10.03 -15.94 -38.06
C GLN B 385 -10.19 -16.59 -36.69
N SER C 36 7.56 0.62 31.15
CA SER C 36 8.01 0.10 32.45
C SER C 36 8.66 -1.28 32.38
N ASN C 37 8.73 -1.85 31.19
CA ASN C 37 9.23 -3.21 31.02
C ASN C 37 10.74 -3.29 31.23
N TRP C 38 11.23 -4.51 31.46
CA TRP C 38 12.66 -4.77 31.65
C TRP C 38 13.17 -5.96 30.81
N THR C 39 14.46 -5.95 30.50
CA THR C 39 15.09 -7.07 29.81
C THR C 39 16.50 -7.30 30.37
N ILE C 40 16.58 -8.15 31.40
CA ILE C 40 17.83 -8.37 32.12
C ILE C 40 18.37 -9.78 31.91
N LYS C 48 24.29 -16.85 37.34
CA LYS C 48 23.03 -16.43 36.75
C LYS C 48 21.94 -16.32 37.81
N SER C 49 21.64 -17.45 38.46
CA SER C 49 20.61 -17.50 39.48
C SER C 49 20.86 -16.51 40.62
N PHE C 50 22.10 -16.47 41.10
CA PHE C 50 22.46 -15.60 42.23
C PHE C 50 22.11 -14.13 41.95
N THR C 51 22.58 -13.61 40.82
CA THR C 51 22.32 -12.22 40.45
C THR C 51 20.82 -12.04 40.17
N ALA C 52 20.18 -13.10 39.69
CA ALA C 52 18.75 -13.07 39.47
C ALA C 52 18.05 -12.73 40.78
N LYS C 53 18.38 -13.51 41.81
CA LYS C 53 17.84 -13.32 43.15
C LYS C 53 18.19 -11.94 43.70
N MSE C 54 19.38 -11.44 43.36
CA MSE C 54 19.75 -10.08 43.76
C MSE C 54 18.72 -9.09 43.18
O MSE C 54 17.99 -8.41 43.93
CB MSE C 54 21.15 -9.74 43.26
N LEU C 55 18.67 -9.05 41.85
CA LEU C 55 17.81 -8.16 41.11
C LEU C 55 16.33 -8.50 41.30
N LEU C 56 16.07 -9.51 42.14
CA LEU C 56 14.69 -9.89 42.46
C LEU C 56 14.30 -9.41 43.85
N LEU C 57 15.04 -9.87 44.86
CA LEU C 57 14.85 -9.44 46.24
C LEU C 57 14.89 -7.92 46.35
N ARG C 58 15.80 -7.30 45.61
CA ARG C 58 15.84 -5.84 45.57
C ARG C 58 14.46 -5.31 45.21
N GLU C 59 13.65 -6.14 44.55
CA GLU C 59 12.38 -5.72 43.98
C GLU C 59 11.16 -6.14 44.80
N TYR C 60 11.24 -7.31 45.43
CA TYR C 60 10.16 -7.76 46.31
C TYR C 60 10.11 -6.89 47.57
N MSE C 61 11.23 -6.21 47.84
CA MSE C 61 11.34 -5.35 49.02
C MSE C 61 10.69 -3.99 48.81
O MSE C 61 10.75 -3.10 49.66
CB MSE C 61 12.81 -5.18 49.42
N GLN C 62 10.04 -3.83 47.65
CA GLN C 62 9.38 -2.58 47.29
C GLN C 62 8.15 -2.83 46.42
N ILE C 68 7.18 -15.63 38.79
CA ILE C 68 8.41 -16.41 38.62
C ILE C 68 8.18 -17.88 38.26
N ILE C 69 8.95 -18.39 37.30
CA ILE C 69 8.89 -19.81 36.93
C ILE C 69 10.28 -20.47 36.94
N ASP C 70 10.48 -21.41 37.86
CA ASP C 70 11.76 -22.10 37.95
C ASP C 70 11.62 -23.61 37.73
N PRO C 71 12.26 -24.11 36.67
CA PRO C 71 12.27 -25.54 36.33
C PRO C 71 13.41 -26.31 36.99
N GLU C 72 14.23 -25.62 37.77
CA GLU C 72 15.38 -26.25 38.42
C GLU C 72 15.20 -26.32 39.93
N ARG C 73 14.03 -25.93 40.40
CA ARG C 73 13.75 -25.88 41.85
C ARG C 73 14.83 -25.03 42.53
N GLU C 74 15.04 -23.82 42.02
CA GLU C 74 16.15 -22.99 42.45
C GLU C 74 15.78 -21.88 43.41
N TYR C 75 14.54 -21.38 43.34
CA TYR C 75 14.15 -20.26 44.21
C TYR C 75 13.17 -20.66 45.31
N LYS C 76 13.09 -21.95 45.60
CA LYS C 76 12.21 -22.44 46.65
C LYS C 76 12.52 -21.79 48.00
N GLU C 77 13.79 -21.79 48.36
CA GLU C 77 14.25 -21.27 49.65
C GLU C 77 13.88 -19.80 49.89
N MSE C 78 13.96 -18.97 48.85
CA MSE C 78 13.65 -17.54 49.00
C MSE C 78 12.15 -17.28 49.15
O MSE C 78 11.75 -16.25 49.70
CB MSE C 78 14.22 -16.72 47.83
CG MSE C 78 13.82 -15.23 47.83
SE MSE C 78 14.61 -14.21 46.35
CE MSE C 78 13.77 -12.45 46.56
N CYS C 79 11.33 -18.23 48.68
CA CYS C 79 9.89 -18.09 48.76
C CYS C 79 9.40 -17.97 50.21
N ARG C 80 10.07 -18.69 51.12
CA ARG C 80 9.76 -18.61 52.53
C ARG C 80 9.53 -17.17 52.98
N LYS C 81 10.60 -16.39 53.02
CA LYS C 81 10.50 -15.00 53.48
C LYS C 81 9.67 -14.16 52.52
N VAL C 85 3.50 -17.56 47.92
CA VAL C 85 3.32 -19.00 47.95
C VAL C 85 4.33 -19.69 47.05
N TRP C 86 4.56 -20.98 47.30
CA TRP C 86 5.38 -21.81 46.44
C TRP C 86 4.55 -23.01 45.99
N ILE C 87 4.27 -23.08 44.69
CA ILE C 87 3.44 -24.16 44.15
C ILE C 87 4.26 -25.20 43.39
N ASN C 88 4.02 -26.47 43.70
CA ASN C 88 4.62 -27.55 42.89
C ASN C 88 3.71 -27.91 41.73
N CYS C 89 3.84 -27.17 40.62
CA CYS C 89 2.99 -27.35 39.44
C CYS C 89 3.36 -28.61 38.68
N THR C 90 3.04 -29.76 39.27
CA THR C 90 3.47 -31.02 38.70
C THR C 90 2.38 -32.07 38.86
N GLY C 91 1.54 -31.90 39.87
CA GLY C 91 0.47 -32.84 40.12
C GLY C 91 -0.23 -32.42 41.39
N GLY C 92 -1.26 -33.17 41.78
CA GLY C 92 -2.01 -32.85 42.98
C GLY C 92 -2.39 -31.39 43.08
N GLU C 93 -1.97 -30.76 44.17
CA GLU C 93 -2.31 -29.38 44.49
C GLU C 93 -1.59 -28.38 43.59
N GLY C 94 -0.85 -28.90 42.63
CA GLY C 94 -0.12 -28.06 41.71
C GLY C 94 -0.76 -28.03 40.33
N LYS C 95 -1.81 -28.84 40.16
CA LYS C 95 -2.48 -28.95 38.87
C LYS C 95 -2.94 -27.63 38.24
N ILE C 96 -2.54 -27.42 37.00
CA ILE C 96 -3.10 -26.34 36.18
C ILE C 96 -3.71 -26.92 34.90
N ASN C 97 -5.04 -26.88 34.81
CA ASN C 97 -5.75 -27.47 33.68
C ASN C 97 -5.61 -26.61 32.43
N PRO C 98 -5.02 -27.18 31.37
CA PRO C 98 -4.77 -26.40 30.16
C PRO C 98 -6.10 -25.99 29.53
N LEU C 99 -7.11 -26.81 29.75
CA LEU C 99 -8.41 -26.62 29.13
C LEU C 99 -9.22 -25.53 29.81
N GLN C 100 -8.81 -25.11 31.00
CA GLN C 100 -9.50 -24.03 31.69
C GLN C 100 -9.29 -22.71 30.97
N VAL C 101 -10.37 -22.13 30.48
CA VAL C 101 -10.26 -20.94 29.65
C VAL C 101 -9.72 -19.78 30.45
N ARG C 102 -8.71 -19.11 29.93
CA ARG C 102 -8.23 -17.87 30.55
C ARG C 102 -7.89 -16.82 29.51
N LEU C 103 -7.64 -15.60 29.99
CA LEU C 103 -7.29 -14.50 29.10
C LEU C 103 -5.86 -14.58 28.59
N ARG C 104 -5.66 -14.06 27.38
CA ARG C 104 -4.33 -13.95 26.81
C ARG C 104 -4.14 -12.49 26.42
N PRO C 105 -2.91 -12.10 26.07
CA PRO C 105 -2.63 -10.71 25.72
C PRO C 105 -2.97 -10.38 24.26
N VAL C 106 -3.65 -9.25 24.09
CA VAL C 106 -4.17 -8.84 22.79
C VAL C 106 -4.96 -7.55 22.95
N VAL C 115 -15.21 -5.68 18.16
CA VAL C 115 -15.01 -5.18 19.52
C VAL C 115 -14.86 -6.33 20.50
N PHE C 116 -15.98 -7.00 20.78
CA PHE C 116 -16.02 -8.16 21.65
C PHE C 116 -14.94 -9.17 21.23
N GLN C 117 -14.35 -9.83 22.21
CA GLN C 117 -13.39 -10.88 21.92
C GLN C 117 -13.77 -12.14 22.68
N SER C 118 -13.95 -13.25 21.97
CA SER C 118 -14.41 -14.46 22.63
C SER C 118 -13.29 -15.15 23.40
N PRO C 119 -13.49 -15.36 24.71
CA PRO C 119 -12.46 -16.01 25.52
C PRO C 119 -12.25 -17.45 25.07
N LEU C 120 -13.33 -18.15 24.76
CA LEU C 120 -13.22 -19.51 24.24
C LEU C 120 -12.36 -19.59 22.97
N ALA C 121 -12.65 -18.72 22.00
CA ALA C 121 -11.89 -18.65 20.75
C ALA C 121 -10.38 -18.41 20.94
N LEU C 122 -10.07 -17.31 21.64
CA LEU C 122 -8.68 -16.96 21.93
C LEU C 122 -7.97 -18.07 22.68
N HIS C 123 -8.70 -18.74 23.58
CA HIS C 123 -8.08 -19.82 24.33
C HIS C 123 -7.87 -21.05 23.45
N ILE C 124 -8.74 -21.26 22.46
CA ILE C 124 -8.51 -22.35 21.54
C ILE C 124 -7.21 -22.07 20.82
N GLN C 125 -6.97 -20.80 20.51
CA GLN C 125 -5.72 -20.43 19.86
C GLN C 125 -4.52 -20.76 20.77
N THR C 126 -4.63 -20.34 22.02
CA THR C 126 -3.63 -20.67 23.04
C THR C 126 -3.38 -22.18 23.11
N LEU C 127 -4.45 -22.97 23.01
CA LEU C 127 -4.35 -24.42 23.14
C LEU C 127 -3.76 -25.02 21.89
N ARG C 128 -3.92 -24.34 20.78
CA ARG C 128 -3.24 -24.79 19.58
C ARG C 128 -1.76 -24.69 19.89
N THR C 129 -1.32 -23.55 20.43
CA THR C 129 0.10 -23.39 20.73
C THR C 129 0.53 -24.51 21.68
N PHE C 130 -0.28 -24.74 22.70
CA PHE C 130 0.01 -25.73 23.74
C PHE C 130 0.23 -27.15 23.20
N PHE C 131 -0.74 -27.66 22.45
CA PHE C 131 -0.65 -29.02 21.89
C PHE C 131 0.42 -29.10 20.80
N SER C 132 0.66 -27.98 20.12
CA SER C 132 1.77 -27.89 19.17
C SER C 132 3.13 -28.02 19.87
N LEU C 133 3.21 -27.58 21.13
CA LEU C 133 4.41 -27.78 21.92
C LEU C 133 4.50 -29.22 22.44
N TYR C 134 3.36 -29.75 22.88
CA TYR C 134 3.31 -31.09 23.50
C TYR C 134 3.48 -32.28 22.56
N LEU C 135 2.91 -32.20 21.37
CA LEU C 135 2.86 -33.35 20.46
C LEU C 135 3.91 -33.29 19.35
N ARG C 136 4.26 -32.08 18.93
CA ARG C 136 5.41 -31.84 18.05
C ARG C 136 5.30 -32.31 16.59
N ASP C 137 4.67 -33.47 16.35
CA ASP C 137 4.61 -34.03 15.00
C ASP C 137 3.24 -33.86 14.32
N LEU C 138 2.46 -32.90 14.80
CA LEU C 138 1.07 -32.70 14.38
C LEU C 138 0.91 -32.16 12.94
N THR C 139 0.06 -32.82 12.16
CA THR C 139 -0.25 -32.38 10.80
C THR C 139 -1.28 -31.24 10.83
N ASP C 140 -1.52 -30.60 9.70
CA ASP C 140 -2.49 -29.52 9.64
C ASP C 140 -3.90 -30.09 9.80
N THR C 141 -4.08 -31.29 9.27
CA THR C 141 -5.31 -32.07 9.45
C THR C 141 -5.56 -32.32 10.95
N GLU C 142 -4.57 -32.89 11.62
CA GLU C 142 -4.71 -33.22 13.02
C GLU C 142 -4.98 -31.98 13.88
N LYS C 143 -4.40 -30.85 13.50
CA LYS C 143 -4.69 -29.62 14.22
C LYS C 143 -6.14 -29.18 13.99
N ALA C 144 -6.59 -29.25 12.74
CA ALA C 144 -7.99 -28.93 12.43
C ALA C 144 -8.96 -29.76 13.28
N ALA C 145 -8.78 -31.09 13.25
CA ALA C 145 -9.61 -32.02 14.04
C ALA C 145 -9.46 -31.75 15.53
N LEU C 146 -8.29 -31.27 15.93
CA LEU C 146 -8.06 -30.91 17.33
C LEU C 146 -8.93 -29.73 17.79
N GLU C 147 -8.93 -28.64 17.01
CA GLU C 147 -9.77 -27.49 17.35
C GLU C 147 -11.26 -27.83 17.27
N ASP C 148 -11.63 -28.64 16.27
CA ASP C 148 -13.01 -29.14 16.18
C ASP C 148 -13.41 -29.84 17.47
N ALA C 149 -12.61 -30.83 17.86
CA ALA C 149 -12.84 -31.56 19.10
C ALA C 149 -12.88 -30.64 20.33
N LEU C 150 -11.95 -29.70 20.42
CA LEU C 150 -11.96 -28.76 21.56
C LEU C 150 -13.29 -28.04 21.66
N VAL C 151 -13.75 -27.46 20.55
CA VAL C 151 -15.04 -26.75 20.58
C VAL C 151 -16.17 -27.67 21.04
N GLU C 152 -16.18 -28.90 20.54
CA GLU C 152 -17.26 -29.82 20.94
C GLU C 152 -17.21 -30.20 22.42
N VAL C 153 -16.00 -30.42 22.93
CA VAL C 153 -15.81 -30.78 24.32
C VAL C 153 -16.28 -29.64 25.24
N TYR C 154 -15.92 -28.41 24.87
CA TYR C 154 -16.47 -27.26 25.58
C TYR C 154 -17.99 -27.22 25.54
N LYS C 155 -18.56 -27.35 24.34
CA LYS C 155 -20.01 -27.34 24.18
C LYS C 155 -20.66 -28.33 25.16
N GLU C 156 -20.18 -29.57 25.16
CA GLU C 156 -20.72 -30.59 26.05
C GLU C 156 -20.59 -30.17 27.51
N ALA C 157 -19.50 -29.46 27.83
CA ALA C 157 -19.34 -28.96 29.20
C ALA C 157 -20.15 -27.70 29.47
N GLY C 158 -20.98 -27.28 28.52
CA GLY C 158 -21.81 -26.11 28.71
C GLY C 158 -21.15 -24.75 28.47
N ILE C 159 -19.91 -24.78 27.99
CA ILE C 159 -19.16 -23.55 27.70
C ILE C 159 -19.22 -23.24 26.20
N THR C 160 -19.66 -22.03 25.84
CA THR C 160 -19.70 -21.62 24.44
C THR C 160 -18.95 -20.32 24.16
N TRP C 161 -19.22 -19.74 23.00
CA TRP C 161 -18.43 -18.62 22.48
C TRP C 161 -18.50 -17.34 23.34
N ASP C 162 -19.70 -17.01 23.83
CA ASP C 162 -19.91 -15.82 24.63
C ASP C 162 -19.72 -16.09 26.12
N THR C 163 -19.31 -17.31 26.48
CA THR C 163 -19.18 -17.63 27.90
C THR C 163 -18.06 -16.89 28.62
N ASP C 164 -18.44 -16.25 29.73
CA ASP C 164 -17.49 -15.58 30.59
C ASP C 164 -16.85 -16.63 31.50
N PRO C 165 -15.52 -16.79 31.42
CA PRO C 165 -14.85 -17.85 32.18
C PRO C 165 -14.84 -17.64 33.70
N ARG C 166 -15.21 -16.45 34.17
CA ARG C 166 -15.22 -16.17 35.60
C ARG C 166 -16.39 -16.83 36.32
N GLY C 167 -17.50 -17.02 35.61
CA GLY C 167 -18.68 -17.62 36.19
C GLY C 167 -18.76 -19.13 36.05
N VAL C 168 -17.60 -19.78 35.97
CA VAL C 168 -17.58 -21.24 35.96
C VAL C 168 -16.47 -21.81 36.85
N PRO C 169 -16.88 -22.59 37.86
CA PRO C 169 -15.96 -23.15 38.86
C PRO C 169 -14.93 -24.06 38.20
N ASN C 170 -13.75 -24.12 38.80
CA ASN C 170 -12.66 -24.93 38.25
C ASN C 170 -13.08 -26.33 37.82
N ASP C 171 -14.02 -26.93 38.55
CA ASP C 171 -14.34 -28.33 38.30
C ASP C 171 -15.41 -28.51 37.22
N LYS C 172 -15.81 -27.41 36.60
CA LYS C 172 -16.80 -27.48 35.53
C LYS C 172 -16.16 -27.51 34.15
N TRP C 173 -14.88 -27.13 34.07
CA TRP C 173 -14.18 -27.12 32.79
C TRP C 173 -13.89 -28.56 32.34
N PRO C 174 -13.93 -28.81 31.03
CA PRO C 174 -13.49 -30.13 30.57
C PRO C 174 -11.98 -30.26 30.73
N THR C 175 -11.47 -31.50 30.74
CA THR C 175 -10.03 -31.76 30.75
C THR C 175 -9.60 -32.53 29.51
N VAL C 176 -8.29 -32.79 29.41
CA VAL C 176 -7.77 -33.59 28.31
C VAL C 176 -8.36 -35.00 28.36
N LYS C 177 -8.96 -35.35 29.49
CA LYS C 177 -9.66 -36.61 29.62
C LYS C 177 -10.82 -36.65 28.64
N GLU C 178 -11.70 -35.65 28.74
CA GLU C 178 -12.87 -35.58 27.87
C GLU C 178 -12.47 -35.45 26.42
N LEU C 179 -11.42 -34.69 26.17
CA LEU C 179 -10.93 -34.49 24.82
C LEU C 179 -10.51 -35.82 24.23
N TYR C 180 -9.72 -36.58 25.00
CA TYR C 180 -9.31 -37.91 24.57
C TYR C 180 -10.50 -38.81 24.31
N GLU C 181 -11.51 -38.73 25.17
CA GLU C 181 -12.70 -39.55 24.98
C GLU C 181 -13.50 -39.16 23.72
N TYR C 182 -13.53 -37.87 23.40
CA TYR C 182 -14.19 -37.41 22.18
C TYR C 182 -13.44 -37.93 20.97
N CYS C 183 -12.13 -37.79 20.98
CA CYS C 183 -11.33 -38.26 19.85
C CYS C 183 -11.42 -39.78 19.74
N VAL C 184 -11.67 -40.45 20.86
CA VAL C 184 -11.85 -41.88 20.84
C VAL C 184 -13.17 -42.22 20.16
N LYS C 185 -14.23 -41.54 20.55
CA LYS C 185 -15.55 -41.79 19.96
C LYS C 185 -15.59 -41.50 18.44
N LYS C 186 -15.04 -40.36 18.03
CA LYS C 186 -15.07 -39.96 16.62
C LYS C 186 -14.07 -40.71 15.75
N ALA C 187 -13.15 -41.45 16.37
CA ALA C 187 -12.18 -42.24 15.62
C ALA C 187 -12.87 -43.38 14.91
N GLU C 188 -14.10 -43.67 15.33
CA GLU C 188 -14.86 -44.75 14.72
C GLU C 188 -15.13 -44.45 13.26
N GLU C 189 -15.86 -43.36 12.99
CA GLU C 189 -16.16 -42.98 11.62
C GLU C 189 -15.00 -42.20 10.99
N ASN C 190 -14.04 -41.79 11.81
CA ASN C 190 -12.92 -40.99 11.32
C ASN C 190 -11.54 -41.54 11.70
N PRO C 191 -11.28 -42.82 11.40
CA PRO C 191 -10.02 -43.45 11.79
C PRO C 191 -8.79 -42.69 11.28
N GLU C 192 -8.73 -42.43 9.98
CA GLU C 192 -7.54 -41.83 9.38
C GLU C 192 -7.14 -40.50 10.02
N THR C 193 -8.11 -39.76 10.54
CA THR C 193 -7.85 -38.45 11.14
C THR C 193 -7.69 -38.48 12.67
N TYR C 194 -8.67 -39.06 13.36
CA TYR C 194 -8.67 -39.05 14.82
C TYR C 194 -7.94 -40.22 15.46
N GLY C 195 -7.40 -41.14 14.65
CA GLY C 195 -6.75 -42.31 15.18
C GLY C 195 -5.45 -41.98 15.92
N ARG C 196 -4.42 -41.66 15.16
CA ARG C 196 -3.12 -41.31 15.71
C ARG C 196 -3.26 -40.24 16.79
N LEU C 197 -4.30 -39.41 16.65
CA LEU C 197 -4.57 -38.32 17.56
C LEU C 197 -5.08 -38.83 18.91
N SER C 198 -6.09 -39.69 18.88
CA SER C 198 -6.60 -40.26 20.12
C SER C 198 -5.49 -41.02 20.81
N VAL C 199 -4.72 -41.77 20.03
CA VAL C 199 -3.57 -42.51 20.56
C VAL C 199 -2.59 -41.58 21.28
N LEU C 200 -2.23 -40.48 20.63
CA LEU C 200 -1.26 -39.53 21.18
C LEU C 200 -1.80 -38.77 22.38
N LEU C 201 -3.13 -38.69 22.50
CA LEU C 201 -3.75 -38.03 23.64
C LEU C 201 -3.92 -38.97 24.84
N LYS C 202 -4.10 -40.25 24.58
CA LYS C 202 -4.42 -41.21 25.64
C LYS C 202 -3.40 -41.14 26.77
N ARG C 203 -2.13 -40.95 26.42
CA ARG C 203 -1.09 -40.75 27.43
C ARG C 203 -1.49 -39.62 28.35
N ALA C 204 -1.74 -38.45 27.77
CA ALA C 204 -2.09 -37.26 28.54
C ALA C 204 -3.39 -37.42 29.33
N ALA C 205 -4.26 -38.30 28.87
CA ALA C 205 -5.56 -38.48 29.51
C ALA C 205 -5.44 -39.39 30.73
N GLU C 206 -4.85 -40.57 30.54
CA GLU C 206 -4.67 -41.55 31.61
C GLU C 206 -3.34 -42.31 31.49
N GLY C 207 -2.26 -41.59 31.25
CA GLY C 207 -0.96 -42.23 31.11
C GLY C 207 0.17 -41.57 31.88
N ALA C 208 1.40 -41.85 31.48
CA ALA C 208 2.59 -41.42 32.20
C ALA C 208 2.63 -39.94 32.55
N ASP C 209 1.74 -39.16 31.94
CA ASP C 209 1.72 -37.73 32.16
C ASP C 209 0.31 -37.20 32.41
N SER C 210 -0.61 -38.10 32.73
CA SER C 210 -1.97 -37.67 33.08
C SER C 210 -1.99 -36.89 34.40
N TYR C 211 -1.11 -37.27 35.32
CA TYR C 211 -1.04 -36.62 36.62
C TYR C 211 -0.93 -35.10 36.47
N LEU C 212 -0.51 -34.65 35.30
CA LEU C 212 -0.25 -33.23 35.06
C LEU C 212 -1.46 -32.38 34.69
N TRP C 213 -2.41 -32.96 33.95
CA TRP C 213 -3.50 -32.17 33.36
C TRP C 213 -4.92 -32.77 33.44
N ALA C 214 -5.02 -34.08 33.66
CA ALA C 214 -6.34 -34.73 33.64
C ALA C 214 -7.20 -34.45 34.88
N GLY C 215 -7.39 -33.17 35.20
CA GLY C 215 -8.24 -32.77 36.31
C GLY C 215 -8.40 -31.27 36.43
N PRO C 216 -9.17 -30.83 37.43
CA PRO C 216 -9.38 -29.39 37.64
C PRO C 216 -8.14 -28.64 38.18
N THR C 217 -8.01 -27.38 37.79
CA THR C 217 -6.96 -26.51 38.32
C THR C 217 -7.10 -26.38 39.82
N ALA C 218 -6.07 -26.82 40.55
CA ALA C 218 -6.12 -26.90 42.00
C ALA C 218 -5.29 -25.83 42.69
N VAL C 219 -4.44 -25.14 41.94
CA VAL C 219 -3.56 -24.14 42.53
C VAL C 219 -4.32 -22.91 43.02
N GLU C 220 -3.87 -22.38 44.15
CA GLU C 220 -4.41 -21.16 44.74
C GLU C 220 -3.26 -20.15 44.86
N ALA C 221 -3.48 -18.92 44.37
CA ALA C 221 -2.44 -17.90 44.39
C ALA C 221 -2.94 -16.61 45.04
N ASP C 222 -3.02 -16.63 46.37
CA ASP C 222 -3.55 -15.50 47.12
C ASP C 222 -2.44 -14.82 47.93
N SER C 223 -1.44 -14.29 47.23
CA SER C 223 -0.33 -13.60 47.89
C SER C 223 0.38 -12.63 46.94
N ASP C 224 1.53 -12.12 47.38
CA ASP C 224 2.27 -11.11 46.62
C ASP C 224 3.68 -11.55 46.25
N PHE C 225 3.97 -12.84 46.41
CA PHE C 225 5.25 -13.39 45.94
C PHE C 225 5.10 -14.88 45.62
N ILE C 226 4.78 -15.18 44.37
CA ILE C 226 4.46 -16.54 43.96
C ILE C 226 5.60 -17.17 43.17
N VAL C 227 5.77 -18.48 43.30
CA VAL C 227 6.79 -19.19 42.54
C VAL C 227 6.28 -20.55 42.05
N PHE C 228 6.31 -20.75 40.73
CA PHE C 228 5.81 -21.97 40.11
C PHE C 228 6.94 -22.94 39.74
N ASP C 229 6.99 -24.09 40.41
CA ASP C 229 8.09 -25.03 40.21
C ASP C 229 7.74 -26.17 39.24
N VAL C 230 8.59 -26.34 38.22
CA VAL C 230 8.41 -27.38 37.20
C VAL C 230 9.64 -28.29 37.12
N HIS C 231 10.29 -28.50 38.26
CA HIS C 231 11.55 -29.21 38.30
C HIS C 231 11.38 -30.72 38.27
N ASP C 232 10.22 -31.21 38.71
CA ASP C 232 9.93 -32.63 38.70
C ASP C 232 9.84 -33.17 37.27
N GLU C 237 10.75 -36.82 29.48
CA GLU C 237 10.42 -36.57 28.08
C GLU C 237 10.33 -35.07 27.81
N ASP C 238 11.22 -34.59 26.96
CA ASP C 238 11.34 -33.16 26.69
C ASP C 238 10.03 -32.47 26.27
N GLN C 239 9.21 -33.17 25.49
CA GLN C 239 7.98 -32.57 24.96
C GLN C 239 7.01 -32.14 26.06
N VAL C 240 6.77 -33.05 27.00
CA VAL C 240 5.83 -32.79 28.09
C VAL C 240 6.37 -31.68 28.96
N LYS C 241 7.69 -31.49 28.90
CA LYS C 241 8.36 -30.45 29.67
C LYS C 241 8.13 -29.09 29.03
N ARG C 242 8.20 -29.05 27.70
CA ARG C 242 7.97 -27.81 26.98
C ARG C 242 6.52 -27.35 27.13
N ALA C 243 5.59 -28.29 26.95
CA ALA C 243 4.18 -28.00 27.15
C ALA C 243 3.87 -27.26 28.48
N GLN C 244 4.24 -27.87 29.60
CA GLN C 244 3.88 -27.36 30.93
C GLN C 244 4.42 -25.96 31.20
N TYR C 245 5.63 -25.67 30.74
CA TYR C 245 6.15 -24.32 30.88
C TYR C 245 5.17 -23.28 30.29
N PHE C 246 4.65 -23.56 29.09
CA PHE C 246 3.71 -22.65 28.44
C PHE C 246 2.34 -22.66 29.12
N ASN C 247 1.92 -23.82 29.60
CA ASN C 247 0.69 -23.90 30.41
C ASN C 247 0.76 -22.96 31.62
N VAL C 248 1.75 -23.21 32.46
CA VAL C 248 2.04 -22.38 33.62
C VAL C 248 2.16 -20.91 33.24
N LEU C 249 2.79 -20.62 32.10
CA LEU C 249 2.96 -19.24 31.65
C LEU C 249 1.64 -18.54 31.31
N SER C 250 0.74 -19.28 30.67
CA SER C 250 -0.60 -18.81 30.37
C SER C 250 -1.40 -18.54 31.63
N PHE C 251 -1.41 -19.54 32.52
CA PHE C 251 -2.04 -19.38 33.83
C PHE C 251 -1.54 -18.10 34.53
N ALA C 252 -0.23 -17.98 34.64
CA ALA C 252 0.38 -16.86 35.35
C ALA C 252 -0.05 -15.55 34.72
N TRP C 253 0.01 -15.48 33.39
CA TRP C 253 -0.39 -14.25 32.74
C TRP C 253 -1.83 -13.93 33.06
N ASN C 254 -2.67 -14.95 33.12
CA ASN C 254 -4.07 -14.69 33.41
C ASN C 254 -4.22 -14.11 34.82
N ILE C 255 -3.45 -14.65 35.77
CA ILE C 255 -3.42 -14.06 37.10
C ILE C 255 -3.16 -12.57 36.95
N LEU C 256 -2.09 -12.24 36.24
CA LEU C 256 -1.74 -10.84 36.07
C LEU C 256 -2.91 -10.04 35.49
N GLU C 257 -3.50 -10.54 34.41
CA GLU C 257 -4.51 -9.80 33.66
C GLU C 257 -5.88 -9.76 34.35
N ARG C 258 -6.17 -10.79 35.15
CA ARG C 258 -7.42 -10.81 35.90
C ARG C 258 -7.25 -10.21 37.29
N THR C 264 2.12 -3.24 39.41
CA THR C 264 2.44 -4.67 39.53
C THR C 264 3.89 -4.99 39.11
N VAL C 265 4.06 -6.03 38.30
CA VAL C 265 5.36 -6.48 37.78
C VAL C 265 5.46 -8.01 37.60
N LEU C 266 5.42 -8.46 36.35
CA LEU C 266 5.50 -9.90 36.02
C LEU C 266 6.93 -10.32 35.66
N VAL C 267 7.39 -11.43 36.22
CA VAL C 267 8.77 -11.88 36.03
C VAL C 267 8.91 -13.28 35.37
N VAL C 268 9.44 -13.29 34.15
CA VAL C 268 9.65 -14.53 33.40
C VAL C 268 11.13 -14.94 33.33
N ASP C 269 11.46 -16.10 33.91
CA ASP C 269 12.85 -16.56 33.96
C ASP C 269 13.09 -17.90 33.25
N GLU C 270 14.30 -18.09 32.72
CA GLU C 270 14.72 -19.36 32.10
C GLU C 270 13.88 -19.75 30.89
N ALA C 271 14.03 -19.02 29.80
CA ALA C 271 13.09 -19.09 28.68
C ALA C 271 13.39 -20.11 27.56
N TRP C 272 14.64 -20.52 27.40
CA TRP C 272 15.06 -21.30 26.23
C TRP C 272 14.36 -22.64 25.98
N MSE C 273 13.93 -23.34 27.03
CA MSE C 273 13.17 -24.58 26.83
C MSE C 273 11.76 -24.28 26.33
O MSE C 273 10.88 -25.15 26.34
CB MSE C 273 13.15 -25.45 28.10
CG MSE C 273 13.43 -24.73 29.39
SE MSE C 273 13.32 -25.88 30.98
CE MSE C 273 14.58 -27.27 30.44
N LEU C 274 11.56 -23.06 25.86
CA LEU C 274 10.26 -22.59 25.41
C LEU C 274 10.31 -22.30 23.91
N VAL C 275 11.42 -22.67 23.29
CA VAL C 275 11.65 -22.38 21.88
C VAL C 275 11.71 -23.66 21.06
N ASP C 276 10.58 -24.05 20.48
CA ASP C 276 10.53 -25.25 19.65
C ASP C 276 10.38 -24.89 18.18
N PRO C 277 11.43 -25.15 17.38
CA PRO C 277 11.45 -24.86 15.94
C PRO C 277 10.13 -25.22 15.26
N GLN C 278 9.60 -26.40 15.57
CA GLN C 278 8.36 -26.87 14.95
C GLN C 278 7.15 -26.01 15.29
N THR C 279 7.19 -25.35 16.45
CA THR C 279 6.07 -24.49 16.85
C THR C 279 6.51 -23.28 17.67
N PRO C 280 6.74 -22.15 16.99
CA PRO C 280 7.34 -20.92 17.53
C PRO C 280 6.36 -19.88 18.06
N GLN C 281 5.06 -20.15 18.09
CA GLN C 281 4.13 -19.17 18.66
C GLN C 281 4.27 -19.04 20.17
N ALA C 282 5.17 -19.83 20.75
CA ALA C 282 5.44 -19.73 22.18
C ALA C 282 6.21 -18.44 22.46
N ILE C 283 7.38 -18.32 21.83
CA ILE C 283 8.21 -17.13 22.00
C ILE C 283 7.42 -15.91 21.53
N ALA C 284 6.39 -16.18 20.76
CA ALA C 284 5.52 -15.13 20.22
C ALA C 284 4.51 -14.68 21.28
N PHE C 285 3.97 -15.63 22.01
CA PHE C 285 3.07 -15.33 23.13
C PHE C 285 3.85 -14.50 24.16
N LEU C 286 5.02 -15.01 24.52
CA LEU C 286 5.91 -14.29 25.42
C LEU C 286 6.29 -12.95 24.84
N ARG C 287 6.23 -12.83 23.51
CA ARG C 287 6.46 -11.54 22.86
C ARG C 287 5.30 -10.57 23.10
N ASP C 288 4.07 -11.07 23.01
CA ASP C 288 2.91 -10.20 23.19
C ASP C 288 2.57 -9.85 24.64
N THR C 289 3.11 -10.60 25.60
CA THR C 289 2.88 -10.22 27.00
C THR C 289 3.41 -8.81 27.33
N SER C 290 4.58 -8.49 26.79
CA SER C 290 5.27 -7.23 27.09
C SER C 290 4.59 -5.98 26.53
N LYS C 291 3.94 -6.11 25.38
CA LYS C 291 3.22 -4.97 24.82
C LYS C 291 2.02 -4.65 25.70
N ARG C 292 1.43 -5.68 26.28
CA ARG C 292 0.21 -5.51 27.07
C ARG C 292 0.46 -5.12 28.55
N ILE C 293 1.62 -5.49 29.10
CA ILE C 293 1.95 -5.05 30.45
C ILE C 293 1.51 -3.60 30.72
N ARG C 294 1.78 -2.73 29.76
CA ARG C 294 1.63 -1.29 29.94
C ARG C 294 0.20 -0.85 30.26
N LYS C 295 -0.76 -1.36 29.51
CA LYS C 295 -2.16 -0.96 29.67
C LYS C 295 -2.64 -1.12 31.12
N TYR C 296 -1.97 -1.98 31.89
CA TYR C 296 -2.31 -2.18 33.29
C TYR C 296 -1.19 -1.68 34.20
N ASN C 297 -0.47 -0.68 33.72
CA ASN C 297 0.66 -0.09 34.44
C ASN C 297 1.54 -1.13 35.13
N GLY C 298 1.79 -2.23 34.44
CA GLY C 298 2.66 -3.27 34.95
C GLY C 298 3.95 -3.30 34.14
N SER C 299 4.83 -4.22 34.48
CA SER C 299 6.09 -4.38 33.76
C SER C 299 6.54 -5.82 33.69
N LEU C 300 6.78 -6.30 32.48
CA LEU C 300 7.26 -7.66 32.23
C LEU C 300 8.77 -7.68 32.25
N ILE C 301 9.33 -8.57 33.05
CA ILE C 301 10.78 -8.70 33.16
C ILE C 301 11.25 -10.01 32.51
N VAL C 302 12.00 -9.89 31.43
CA VAL C 302 12.59 -11.06 30.79
C VAL C 302 14.02 -11.28 31.27
N ILE C 303 14.21 -12.34 32.04
CA ILE C 303 15.53 -12.71 32.54
C ILE C 303 16.14 -13.84 31.69
N GLU C 314 14.25 -20.80 12.27
CA GLU C 314 12.81 -20.56 12.29
C GLU C 314 12.43 -19.46 13.29
N VAL C 315 12.42 -19.82 14.58
CA VAL C 315 11.93 -18.95 15.64
C VAL C 315 12.71 -17.65 15.77
N GLN C 316 13.82 -17.54 15.04
CA GLN C 316 14.64 -16.33 15.04
C GLN C 316 13.78 -15.07 14.99
N ARG C 317 12.92 -14.97 13.98
CA ARG C 317 12.06 -13.80 13.80
C ARG C 317 11.51 -13.23 15.12
N TYR C 318 10.97 -14.11 15.98
CA TYR C 318 10.46 -13.70 17.28
C TYR C 318 11.55 -13.74 18.34
N THR C 327 11.47 1.41 28.25
CA THR C 327 12.16 0.14 28.43
C THR C 327 13.41 0.30 29.27
N TYR C 328 13.93 -0.81 29.78
CA TYR C 328 15.16 -0.83 30.57
C TYR C 328 15.99 -2.06 30.22
N LYS C 329 17.19 -2.15 30.78
CA LYS C 329 18.08 -3.27 30.49
C LYS C 329 19.34 -3.25 31.36
N LEU C 330 20.02 -4.38 31.44
CA LEU C 330 21.29 -4.47 32.14
C LEU C 330 22.11 -5.64 31.61
N ALA C 341 27.82 -15.60 20.27
CA ALA C 341 26.89 -14.70 19.59
C ALA C 341 26.15 -13.80 20.57
N ILE C 342 26.15 -14.16 21.85
CA ILE C 342 25.47 -13.35 22.86
C ILE C 342 26.02 -11.92 22.87
N THR C 343 27.34 -11.80 22.73
CA THR C 343 27.99 -10.49 22.68
C THR C 343 28.31 -10.09 21.25
N THR C 344 27.65 -10.71 20.29
CA THR C 344 27.76 -10.31 18.88
C THR C 344 26.40 -9.85 18.37
N LEU C 345 25.36 -10.59 18.71
CA LEU C 345 24.01 -10.22 18.32
C LEU C 345 23.48 -9.04 19.13
N MSE C 346 23.92 -8.94 20.39
CA MSE C 346 23.50 -7.85 21.26
C MSE C 346 24.39 -6.62 21.07
O MSE C 346 24.63 -5.87 22.02
CB MSE C 346 23.48 -8.29 22.72
N ASN C 347 24.87 -6.42 19.86
CA ASN C 347 25.77 -5.31 19.52
C ASN C 347 27.12 -5.41 20.22
N GLY D 47 -2.83 12.37 -53.65
CA GLY D 47 -4.20 12.83 -53.76
C GLY D 47 -5.06 12.45 -52.56
N LYS D 48 -4.64 12.86 -51.37
CA LYS D 48 -5.34 12.53 -50.14
C LYS D 48 -6.79 13.02 -50.14
N SER D 49 -7.01 14.17 -50.77
CA SER D 49 -8.35 14.75 -50.85
C SER D 49 -9.25 13.94 -51.79
N PHE D 50 -8.66 13.30 -52.79
CA PHE D 50 -9.42 12.48 -53.72
C PHE D 50 -9.80 11.17 -53.04
N THR D 51 -8.79 10.48 -52.53
CA THR D 51 -9.00 9.24 -51.80
C THR D 51 -10.05 9.42 -50.70
N ALA D 52 -9.86 10.44 -49.87
CA ALA D 52 -10.79 10.72 -48.79
C ALA D 52 -12.13 11.19 -49.34
N LYS D 53 -12.09 11.82 -50.51
CA LYS D 53 -13.30 12.29 -51.18
C LYS D 53 -14.23 11.13 -51.49
N MSE D 54 -13.71 10.14 -52.22
CA MSE D 54 -14.50 8.95 -52.56
C MSE D 54 -14.74 8.04 -51.35
O MSE D 54 -15.71 7.29 -51.31
CB MSE D 54 -13.82 8.15 -53.69
CG MSE D 54 -14.69 8.04 -54.94
SE MSE D 54 -16.50 7.40 -54.56
CE MSE D 54 -16.15 5.47 -54.49
N LEU D 55 -13.85 8.12 -50.36
CA LEU D 55 -14.07 7.43 -49.09
C LEU D 55 -15.36 7.95 -48.46
N LEU D 56 -15.44 9.27 -48.31
CA LEU D 56 -16.63 9.93 -47.79
C LEU D 56 -17.84 9.76 -48.70
N LEU D 57 -17.61 9.62 -50.00
CA LEU D 57 -18.69 9.44 -50.97
C LEU D 57 -19.34 8.08 -50.80
N ARG D 58 -18.51 7.05 -50.68
CA ARG D 58 -18.99 5.69 -50.44
C ARG D 58 -19.59 5.58 -49.04
N GLU D 59 -19.02 6.30 -48.09
CA GLU D 59 -19.55 6.32 -46.73
C GLU D 59 -20.94 6.94 -46.74
N TYR D 60 -21.10 7.93 -47.61
CA TYR D 60 -22.35 8.67 -47.77
C TYR D 60 -23.47 7.75 -48.27
N MSE D 61 -23.08 6.74 -49.05
CA MSE D 61 -24.04 5.78 -49.59
C MSE D 61 -24.78 5.00 -48.49
O MSE D 61 -25.71 4.24 -48.77
CB MSE D 61 -23.35 4.80 -50.54
N GLN D 62 -24.36 5.18 -47.23
CA GLN D 62 -25.05 4.58 -46.09
C GLN D 62 -25.39 5.64 -45.04
N GLY D 63 -26.62 6.14 -45.09
CA GLY D 63 -27.09 7.14 -44.13
C GLY D 63 -28.59 7.35 -44.19
N ILE D 67 -21.07 17.72 -40.55
CA ILE D 67 -20.33 17.22 -39.40
C ILE D 67 -18.87 16.94 -39.75
N ILE D 68 -18.12 17.96 -40.13
CA ILE D 68 -16.72 17.77 -40.50
C ILE D 68 -15.90 19.06 -40.64
N ILE D 69 -14.91 19.16 -39.75
CA ILE D 69 -13.97 20.28 -39.71
C ILE D 69 -13.20 20.38 -41.03
N ASP D 70 -13.40 21.48 -41.74
CA ASP D 70 -12.71 21.73 -43.01
C ASP D 70 -11.45 22.56 -42.81
N ILE D 87 -22.51 25.68 -43.18
CA ILE D 87 -22.35 26.70 -42.15
C ILE D 87 -20.92 27.20 -42.08
N ASN D 88 -20.70 28.46 -42.48
CA ASN D 88 -19.37 29.04 -42.40
C ASN D 88 -19.08 29.52 -40.99
N CYS D 89 -18.79 28.57 -40.11
CA CYS D 89 -18.53 28.86 -38.70
C CYS D 89 -17.33 29.78 -38.51
N THR D 90 -17.50 31.04 -38.91
CA THR D 90 -16.43 32.02 -38.82
C THR D 90 -16.98 33.38 -38.39
N GLY D 91 -18.23 33.40 -37.93
CA GLY D 91 -18.85 34.63 -37.49
C GLY D 91 -20.25 34.79 -38.03
N GLY D 92 -21.15 35.30 -37.19
CA GLY D 92 -22.55 35.46 -37.57
C GLY D 92 -23.19 34.10 -37.73
N GLU D 93 -24.49 34.01 -37.44
CA GLU D 93 -25.24 32.77 -37.62
C GLU D 93 -24.34 31.54 -37.46
N ASN D 97 -19.36 30.34 -29.57
CA ASN D 97 -18.88 30.89 -28.27
C ASN D 97 -18.14 29.89 -27.40
N PRO D 98 -16.87 30.18 -27.09
CA PRO D 98 -16.04 29.26 -26.31
C PRO D 98 -16.24 29.41 -24.80
N LEU D 99 -17.27 30.15 -24.38
CA LEU D 99 -17.64 30.21 -22.97
C LEU D 99 -18.91 29.39 -22.74
N GLN D 100 -19.51 28.95 -23.83
CA GLN D 100 -20.58 27.98 -23.74
C GLN D 100 -19.89 26.69 -23.34
N VAL D 101 -20.54 25.88 -22.51
CA VAL D 101 -19.92 24.67 -21.97
C VAL D 101 -20.52 23.37 -22.53
N PHE D 116 -19.63 12.66 -8.10
CA PHE D 116 -20.26 13.84 -8.69
C PHE D 116 -19.23 14.68 -9.43
N GLN D 117 -19.67 15.38 -10.47
CA GLN D 117 -18.75 16.18 -11.27
C GLN D 117 -19.45 17.39 -11.87
N SER D 118 -19.20 18.58 -11.33
CA SER D 118 -19.79 19.79 -11.89
C SER D 118 -19.38 19.95 -13.35
N PRO D 119 -20.33 20.34 -14.21
CA PRO D 119 -20.07 20.50 -15.64
C PRO D 119 -19.07 21.62 -15.92
N LEU D 120 -19.13 22.69 -15.13
CA LEU D 120 -18.27 23.85 -15.35
C LEU D 120 -16.76 23.54 -15.33
N ALA D 121 -16.27 22.89 -14.27
CA ALA D 121 -14.84 22.58 -14.15
C ALA D 121 -14.21 21.91 -15.39
N LEU D 122 -14.84 20.85 -15.88
CA LEU D 122 -14.36 20.15 -17.09
C LEU D 122 -14.12 21.12 -18.25
N HIS D 123 -15.12 21.95 -18.50
CA HIS D 123 -15.05 22.94 -19.57
C HIS D 123 -13.91 23.92 -19.30
N ILE D 124 -13.74 24.30 -18.04
CA ILE D 124 -12.65 25.21 -17.66
C ILE D 124 -11.32 24.59 -18.07
N GLN D 125 -11.24 23.27 -17.94
CA GLN D 125 -10.08 22.54 -18.44
C GLN D 125 -9.97 22.75 -19.95
N THR D 126 -11.01 22.39 -20.70
CA THR D 126 -11.00 22.63 -22.14
C THR D 126 -10.37 24.01 -22.45
N LEU D 127 -10.88 25.03 -21.77
CA LEU D 127 -10.46 26.41 -22.00
C LEU D 127 -9.00 26.68 -21.65
N ARG D 128 -8.44 25.94 -20.68
CA ARG D 128 -7.01 26.07 -20.42
C ARG D 128 -6.23 25.86 -21.72
N THR D 129 -6.57 24.79 -22.44
CA THR D 129 -5.92 24.46 -23.70
C THR D 129 -6.31 25.44 -24.82
N PHE D 130 -7.59 25.79 -24.88
CA PHE D 130 -8.05 26.73 -25.92
C PHE D 130 -7.29 28.05 -25.86
N PHE D 131 -7.25 28.65 -24.68
CA PHE D 131 -6.57 29.92 -24.51
C PHE D 131 -5.05 29.78 -24.60
N SER D 132 -4.51 28.65 -24.14
CA SER D 132 -3.10 28.36 -24.34
C SER D 132 -2.76 28.26 -25.84
N LEU D 133 -3.78 28.01 -26.67
CA LEU D 133 -3.62 28.02 -28.12
C LEU D 133 -3.70 29.42 -28.71
N TYR D 134 -4.70 30.21 -28.28
CA TYR D 134 -4.79 31.59 -28.76
C TYR D 134 -3.65 32.49 -28.25
N LEU D 135 -3.36 32.43 -26.95
CA LEU D 135 -2.31 33.25 -26.35
C LEU D 135 -1.07 32.44 -25.96
N ARG D 136 0.00 32.58 -26.72
CA ARG D 136 1.29 32.03 -26.31
C ARG D 136 1.93 33.02 -25.35
N ASP D 137 3.08 32.64 -24.78
CA ASP D 137 3.80 33.51 -23.85
C ASP D 137 3.08 33.61 -22.50
N LEU D 138 2.00 32.86 -22.35
CA LEU D 138 1.16 32.89 -21.16
C LEU D 138 1.88 32.39 -19.91
N THR D 139 2.05 33.27 -18.92
CA THR D 139 2.69 32.86 -17.67
C THR D 139 1.75 31.98 -16.85
N ASP D 140 2.28 31.34 -15.82
CA ASP D 140 1.48 30.46 -14.97
C ASP D 140 0.53 31.27 -14.08
N THR D 141 1.01 32.42 -13.62
CA THR D 141 0.20 33.38 -12.91
C THR D 141 -0.97 33.84 -13.78
N GLU D 142 -0.69 34.18 -15.04
CA GLU D 142 -1.73 34.56 -15.98
C GLU D 142 -2.66 33.38 -16.26
N LYS D 143 -2.05 32.20 -16.36
CA LYS D 143 -2.81 30.98 -16.63
C LYS D 143 -3.78 30.66 -15.49
N ALA D 144 -3.49 31.16 -14.30
CA ALA D 144 -4.38 30.96 -13.15
C ALA D 144 -5.39 32.11 -12.99
N ALA D 145 -4.95 33.32 -13.33
CA ALA D 145 -5.79 34.49 -13.22
C ALA D 145 -6.93 34.41 -14.23
N LEU D 146 -6.63 33.84 -15.39
CA LEU D 146 -7.65 33.65 -16.42
C LEU D 146 -8.70 32.65 -15.94
N GLU D 147 -8.27 31.64 -15.19
CA GLU D 147 -9.20 30.67 -14.63
C GLU D 147 -10.12 31.35 -13.61
N ASP D 148 -9.51 32.06 -12.66
CA ASP D 148 -10.29 32.81 -11.67
C ASP D 148 -11.34 33.70 -12.35
N ALA D 149 -10.87 34.55 -13.26
CA ALA D 149 -11.75 35.42 -14.03
C ALA D 149 -12.89 34.63 -14.62
N LEU D 150 -12.57 33.49 -15.24
CA LEU D 150 -13.60 32.64 -15.82
C LEU D 150 -14.69 32.30 -14.80
N VAL D 151 -14.27 31.70 -13.70
CA VAL D 151 -15.20 31.32 -12.63
C VAL D 151 -16.09 32.50 -12.19
N GLU D 152 -15.48 33.68 -12.01
CA GLU D 152 -16.24 34.86 -11.60
C GLU D 152 -17.26 35.29 -12.63
N VAL D 153 -16.82 35.46 -13.88
CA VAL D 153 -17.73 35.85 -14.97
C VAL D 153 -18.92 34.89 -15.09
N TYR D 154 -18.64 33.60 -14.95
CA TYR D 154 -19.73 32.63 -14.92
C TYR D 154 -20.66 32.97 -13.77
N LYS D 155 -20.08 33.18 -12.59
CA LYS D 155 -20.86 33.48 -11.39
C LYS D 155 -21.82 34.65 -11.60
N GLU D 156 -21.31 35.71 -12.23
CA GLU D 156 -22.13 36.85 -12.56
C GLU D 156 -23.24 36.45 -13.53
N ALA D 157 -22.92 35.58 -14.48
CA ALA D 157 -23.96 35.09 -15.41
C ALA D 157 -25.02 34.28 -14.67
N GLY D 158 -24.75 33.95 -13.40
CA GLY D 158 -25.72 33.27 -12.57
C GLY D 158 -25.60 31.76 -12.52
N ILE D 159 -24.55 31.21 -13.13
CA ILE D 159 -24.35 29.77 -13.14
C ILE D 159 -23.11 29.42 -12.32
N THR D 160 -23.22 28.39 -11.47
CA THR D 160 -22.13 28.04 -10.57
C THR D 160 -21.70 26.58 -10.71
N TRP D 161 -21.59 25.89 -9.58
CA TRP D 161 -21.04 24.53 -9.58
C TRP D 161 -22.09 23.43 -9.68
N ASP D 162 -23.31 23.71 -9.22
CA ASP D 162 -24.35 22.68 -9.15
C ASP D 162 -25.42 22.83 -10.22
N THR D 163 -25.33 23.88 -11.03
CA THR D 163 -26.35 24.18 -12.04
C THR D 163 -26.23 23.32 -13.29
N ASP D 164 -27.37 23.03 -13.91
CA ASP D 164 -27.43 22.17 -15.07
C ASP D 164 -27.29 22.99 -16.35
N PRO D 165 -26.21 22.76 -17.11
CA PRO D 165 -25.92 23.52 -18.34
C PRO D 165 -26.87 23.19 -19.49
N ARG D 166 -28.08 22.76 -19.14
CA ARG D 166 -29.13 22.60 -20.12
C ARG D 166 -30.16 23.67 -19.82
N GLY D 167 -29.90 24.41 -18.75
CA GLY D 167 -30.75 25.53 -18.36
C GLY D 167 -30.33 26.82 -19.03
N VAL D 168 -29.13 26.84 -19.61
CA VAL D 168 -28.60 28.05 -20.23
C VAL D 168 -28.96 28.15 -21.72
N PRO D 169 -29.78 29.16 -22.07
CA PRO D 169 -30.10 29.47 -23.48
C PRO D 169 -28.92 30.11 -24.20
N LYS D 172 -27.63 33.96 -22.86
CA LYS D 172 -27.79 33.69 -21.44
C LYS D 172 -26.47 33.35 -20.75
N TRP D 173 -25.63 32.59 -21.44
CA TRP D 173 -24.30 32.27 -20.93
C TRP D 173 -23.36 33.45 -21.16
N PRO D 174 -22.30 33.55 -20.34
CA PRO D 174 -21.39 34.67 -20.60
C PRO D 174 -20.62 34.44 -21.90
N THR D 175 -19.97 35.48 -22.40
CA THR D 175 -19.16 35.38 -23.60
C THR D 175 -17.82 36.05 -23.36
N VAL D 176 -16.87 35.80 -24.26
CA VAL D 176 -15.53 36.37 -24.15
C VAL D 176 -15.53 37.87 -23.80
N LYS D 177 -16.61 38.55 -24.14
CA LYS D 177 -16.71 39.99 -23.89
C LYS D 177 -16.79 40.29 -22.39
N GLU D 178 -17.62 39.53 -21.68
CA GLU D 178 -17.75 39.68 -20.24
C GLU D 178 -16.42 39.37 -19.56
N LEU D 179 -15.71 38.37 -20.09
CA LEU D 179 -14.39 37.99 -19.59
C LEU D 179 -13.39 39.13 -19.73
N TYR D 180 -13.35 39.71 -20.92
CA TYR D 180 -12.46 40.85 -21.18
C TYR D 180 -12.79 41.99 -20.24
N GLU D 181 -14.07 42.31 -20.14
CA GLU D 181 -14.53 43.38 -19.27
C GLU D 181 -14.11 43.15 -17.81
N TYR D 182 -14.29 41.92 -17.35
CA TYR D 182 -13.86 41.57 -16.00
C TYR D 182 -12.36 41.82 -15.84
N CYS D 183 -11.60 41.28 -16.79
CA CYS D 183 -10.14 41.39 -16.71
C CYS D 183 -9.70 42.85 -16.67
N VAL D 184 -10.35 43.69 -17.47
CA VAL D 184 -10.04 45.10 -17.47
C VAL D 184 -10.38 45.69 -16.11
N LYS D 185 -11.51 45.26 -15.55
CA LYS D 185 -11.93 45.74 -14.24
C LYS D 185 -10.93 45.40 -13.14
N LYS D 186 -10.30 44.23 -13.24
CA LYS D 186 -9.37 43.79 -12.22
C LYS D 186 -7.93 44.25 -12.50
N ALA D 187 -7.68 44.75 -13.71
CA ALA D 187 -6.33 45.13 -14.11
C ALA D 187 -5.88 46.44 -13.45
N GLU D 188 -6.83 47.18 -12.89
CA GLU D 188 -6.54 48.45 -12.26
C GLU D 188 -5.93 48.25 -10.86
N GLU D 189 -6.17 47.09 -10.26
CA GLU D 189 -5.61 46.77 -8.96
C GLU D 189 -4.63 45.62 -9.07
N ASN D 190 -4.67 44.91 -10.19
CA ASN D 190 -3.77 43.77 -10.42
C ASN D 190 -3.07 43.88 -11.77
N PRO D 191 -2.33 44.97 -11.99
CA PRO D 191 -1.73 45.22 -13.29
C PRO D 191 -0.65 44.20 -13.65
N GLU D 192 0.01 43.64 -12.65
CA GLU D 192 1.07 42.67 -12.88
C GLU D 192 0.49 41.32 -13.33
N THR D 193 -0.74 41.03 -12.90
CA THR D 193 -1.37 39.73 -13.13
C THR D 193 -2.41 39.74 -14.23
N TYR D 194 -3.13 40.85 -14.37
CA TYR D 194 -4.16 40.97 -15.40
C TYR D 194 -3.78 42.03 -16.44
N GLY D 195 -2.72 42.77 -16.16
CA GLY D 195 -2.33 43.91 -16.98
C GLY D 195 -2.01 43.54 -18.42
N ARG D 196 -1.09 42.60 -18.59
CA ARG D 196 -0.69 42.15 -19.92
C ARG D 196 -1.62 41.05 -20.42
N LEU D 197 -2.72 40.86 -19.72
CA LEU D 197 -3.71 39.84 -20.08
C LEU D 197 -4.93 40.48 -20.72
N SER D 198 -5.39 41.58 -20.14
CA SER D 198 -6.56 42.28 -20.67
C SER D 198 -6.28 42.80 -22.08
N VAL D 199 -5.14 43.45 -22.27
CA VAL D 199 -4.74 43.92 -23.59
C VAL D 199 -4.60 42.75 -24.55
N LEU D 200 -4.32 41.58 -24.00
CA LEU D 200 -4.22 40.36 -24.79
C LEU D 200 -5.60 39.89 -25.23
N LEU D 201 -6.60 40.19 -24.42
CA LEU D 201 -7.97 39.79 -24.74
C LEU D 201 -8.76 40.87 -25.49
N LYS D 202 -8.19 42.07 -25.63
CA LYS D 202 -8.90 43.16 -26.31
C LYS D 202 -9.25 42.75 -27.73
N ARG D 203 -8.23 42.33 -28.47
CA ARG D 203 -8.40 41.96 -29.87
C ARG D 203 -9.46 40.86 -30.03
N ALA D 204 -9.56 39.98 -29.05
CA ALA D 204 -10.50 38.86 -29.13
C ALA D 204 -11.87 39.21 -28.57
N ALA D 205 -11.96 40.35 -27.90
CA ALA D 205 -13.19 40.75 -27.23
C ALA D 205 -14.01 41.72 -28.07
N GLU D 206 -13.35 42.73 -28.63
CA GLU D 206 -14.01 43.65 -29.55
C GLU D 206 -13.05 44.16 -30.63
N GLY D 207 -12.06 43.34 -30.96
CA GLY D 207 -11.10 43.66 -32.00
C GLY D 207 -11.00 42.61 -33.09
N ALA D 208 -9.81 42.49 -33.68
CA ALA D 208 -9.59 41.70 -34.89
C ALA D 208 -10.25 40.31 -34.90
N ASP D 209 -10.52 39.75 -33.74
CA ASP D 209 -10.95 38.36 -33.67
C ASP D 209 -12.33 38.18 -33.07
N SER D 210 -12.98 39.29 -32.71
CA SER D 210 -14.20 39.22 -31.92
C SER D 210 -15.42 38.76 -32.70
N TYR D 211 -15.33 38.83 -34.03
CA TYR D 211 -16.43 38.37 -34.87
C TYR D 211 -16.69 36.89 -34.61
N LEU D 212 -15.60 36.15 -34.39
CA LEU D 212 -15.67 34.72 -34.11
C LEU D 212 -16.42 34.31 -32.84
N TRP D 213 -16.28 35.07 -31.76
CA TRP D 213 -16.73 34.59 -30.45
C TRP D 213 -17.57 35.54 -29.58
N ALA D 214 -17.31 36.84 -29.66
CA ALA D 214 -17.90 37.82 -28.75
C ALA D 214 -19.43 37.82 -28.66
N GLY D 215 -20.07 36.81 -29.20
CA GLY D 215 -21.52 36.69 -29.11
C GLY D 215 -21.93 35.29 -28.68
N PRO D 216 -23.23 35.09 -28.42
CA PRO D 216 -23.73 33.78 -28.00
C PRO D 216 -23.98 32.89 -29.21
N PHE D 228 -18.96 22.78 -41.05
CA PHE D 228 -17.98 23.57 -40.33
C PHE D 228 -16.75 23.87 -41.19
N ASP D 229 -16.62 25.13 -41.61
CA ASP D 229 -15.50 25.56 -42.43
C ASP D 229 -14.68 26.64 -41.71
N VAL D 230 -13.36 26.57 -41.82
CA VAL D 230 -12.48 27.56 -41.18
C VAL D 230 -11.38 28.08 -42.12
N HIS D 231 -11.36 27.57 -43.35
CA HIS D 231 -10.34 27.96 -44.33
C HIS D 231 -10.30 29.47 -44.56
N ASP D 232 -11.28 30.18 -44.03
CA ASP D 232 -11.30 31.64 -44.08
C ASP D 232 -10.13 32.21 -43.28
N LEU D 233 -9.64 31.43 -42.32
CA LEU D 233 -8.57 31.87 -41.42
C LEU D 233 -7.23 31.26 -41.81
N GLN D 234 -7.03 31.03 -43.10
CA GLN D 234 -5.79 30.44 -43.60
C GLN D 234 -5.02 31.42 -44.49
N GLN D 239 -1.36 31.39 -34.58
CA GLN D 239 -1.95 31.09 -33.29
C GLN D 239 -3.48 31.18 -33.33
N VAL D 240 -3.99 32.11 -34.14
CA VAL D 240 -5.45 32.29 -34.28
C VAL D 240 -6.14 31.10 -34.98
N LYS D 241 -5.48 30.54 -36.00
CA LYS D 241 -6.05 29.41 -36.72
C LYS D 241 -6.04 28.14 -35.87
N ARG D 242 -4.93 27.87 -35.19
CA ARG D 242 -4.88 26.72 -34.29
C ARG D 242 -5.99 26.84 -33.24
N ALA D 243 -6.16 28.05 -32.72
CA ALA D 243 -7.19 28.33 -31.73
C ALA D 243 -8.59 28.02 -32.25
N GLN D 244 -8.95 28.68 -33.36
CA GLN D 244 -10.28 28.50 -33.94
C GLN D 244 -10.55 27.03 -34.26
N TYR D 245 -9.57 26.40 -34.90
CA TYR D 245 -9.60 24.97 -35.19
C TYR D 245 -9.89 24.14 -33.93
N PHE D 246 -9.26 24.49 -32.82
CA PHE D 246 -9.48 23.74 -31.59
C PHE D 246 -10.87 23.97 -31.02
N ASN D 247 -11.34 25.22 -31.14
CA ASN D 247 -12.65 25.61 -30.64
C ASN D 247 -13.72 24.82 -31.38
N VAL D 248 -13.62 24.84 -32.71
CA VAL D 248 -14.51 24.05 -33.55
C VAL D 248 -14.38 22.56 -33.22
N LEU D 249 -13.16 22.09 -33.00
CA LEU D 249 -12.99 20.67 -32.66
C LEU D 249 -13.85 20.38 -31.43
N SER D 250 -13.88 21.32 -30.49
CA SER D 250 -14.63 21.11 -29.26
C SER D 250 -16.14 21.16 -29.46
N PHE D 251 -16.60 22.17 -30.19
CA PHE D 251 -18.02 22.28 -30.55
C PHE D 251 -18.50 21.17 -31.50
N ALA D 252 -17.58 20.43 -32.09
CA ALA D 252 -17.95 19.39 -33.05
C ALA D 252 -17.84 18.02 -32.40
N TRP D 253 -17.03 17.95 -31.36
CA TRP D 253 -16.98 16.74 -30.55
C TRP D 253 -18.21 16.73 -29.65
N ASN D 254 -18.63 17.92 -29.23
CA ASN D 254 -19.81 18.03 -28.37
C ASN D 254 -21.07 17.49 -29.06
N ILE D 255 -21.36 18.02 -30.24
CA ILE D 255 -22.51 17.59 -31.01
C ILE D 255 -22.65 16.08 -30.88
N LEU D 256 -21.60 15.35 -31.22
CA LEU D 256 -21.60 13.88 -31.17
C LEU D 256 -21.73 13.31 -29.76
N GLU D 257 -21.05 13.93 -28.79
CA GLU D 257 -21.21 13.52 -27.40
C GLU D 257 -22.69 13.62 -26.98
N ARG D 258 -23.36 14.68 -27.40
CA ARG D 258 -24.79 14.83 -27.13
C ARG D 258 -25.63 14.28 -28.29
N ASP D 259 -25.28 13.08 -28.75
CA ASP D 259 -25.96 12.41 -29.85
C ASP D 259 -26.26 10.94 -29.51
N VAL D 265 -19.63 10.69 -36.70
CA VAL D 265 -18.75 10.80 -37.85
C VAL D 265 -18.09 12.19 -37.89
N LEU D 266 -16.77 12.22 -37.98
CA LEU D 266 -16.03 13.48 -37.91
C LEU D 266 -14.74 13.48 -38.73
N VAL D 267 -14.68 14.33 -39.76
CA VAL D 267 -13.49 14.46 -40.59
C VAL D 267 -12.55 15.55 -40.05
N VAL D 268 -11.33 15.14 -39.69
CA VAL D 268 -10.32 16.06 -39.16
C VAL D 268 -9.19 16.24 -40.17
N ASP D 269 -9.40 17.17 -41.10
CA ASP D 269 -8.48 17.35 -42.22
C ASP D 269 -7.29 18.24 -41.88
N GLU D 270 -6.14 17.91 -42.45
CA GLU D 270 -4.92 18.66 -42.20
C GLU D 270 -4.66 18.74 -40.70
N ALA D 271 -4.95 17.64 -40.01
CA ALA D 271 -4.87 17.58 -38.56
C ALA D 271 -3.57 18.19 -38.00
N THR D 279 1.37 24.49 -26.55
CA THR D 279 0.09 24.03 -26.03
C THR D 279 -0.27 22.66 -26.57
N PRO D 280 0.51 21.64 -26.20
CA PRO D 280 0.36 20.26 -26.72
C PRO D 280 -0.89 19.57 -26.18
N GLN D 281 -1.45 20.05 -25.07
CA GLN D 281 -2.69 19.50 -24.56
C GLN D 281 -3.71 19.43 -25.70
N ALA D 282 -3.55 20.32 -26.67
CA ALA D 282 -4.42 20.38 -27.83
C ALA D 282 -4.50 19.05 -28.58
N ILE D 283 -3.33 18.48 -28.88
CA ILE D 283 -3.28 17.20 -29.57
C ILE D 283 -3.71 16.07 -28.63
N ALA D 284 -3.68 16.33 -27.32
CA ALA D 284 -4.10 15.35 -26.32
C ALA D 284 -5.62 15.19 -26.35
N PHE D 285 -6.31 16.33 -26.34
CA PHE D 285 -7.76 16.36 -26.51
C PHE D 285 -8.16 15.33 -27.56
N LEU D 286 -7.49 15.39 -28.72
CA LEU D 286 -7.69 14.43 -29.79
C LEU D 286 -7.84 13.00 -29.28
N ARG D 287 -6.77 12.46 -28.70
CA ARG D 287 -6.78 11.07 -28.21
C ARG D 287 -8.00 10.72 -27.36
N ASP D 288 -8.57 11.71 -26.67
CA ASP D 288 -9.73 11.45 -25.81
C ASP D 288 -10.98 11.24 -26.67
N THR D 289 -11.19 12.15 -27.62
CA THR D 289 -12.31 12.07 -28.53
C THR D 289 -12.19 10.84 -29.42
N SER D 290 -10.95 10.46 -29.71
CA SER D 290 -10.67 9.34 -30.61
C SER D 290 -10.62 8.01 -29.85
N LYS D 291 -10.92 8.08 -28.56
CA LYS D 291 -11.05 6.87 -27.75
C LYS D 291 -12.45 6.83 -27.15
N ARG D 292 -12.96 8.01 -26.78
CA ARG D 292 -14.30 8.12 -26.22
C ARG D 292 -15.35 8.02 -27.32
N ILE D 293 -15.02 7.28 -28.37
CA ILE D 293 -15.98 7.01 -29.42
C ILE D 293 -16.69 5.69 -29.12
N ARG D 294 -17.98 5.80 -28.76
CA ARG D 294 -18.76 4.67 -28.32
C ARG D 294 -20.22 5.06 -28.09
N GLY D 298 -19.75 6.54 -34.08
CA GLY D 298 -19.09 7.16 -35.21
C GLY D 298 -17.61 6.85 -35.26
N SER D 299 -16.97 7.19 -36.38
CA SER D 299 -15.53 6.97 -36.57
C SER D 299 -14.81 8.32 -36.69
N LEU D 300 -13.51 8.33 -36.41
CA LEU D 300 -12.74 9.57 -36.44
C LEU D 300 -11.63 9.55 -37.50
N ILE D 301 -11.84 10.31 -38.58
CA ILE D 301 -10.92 10.34 -39.71
C ILE D 301 -9.92 11.50 -39.63
N VAL D 302 -8.63 11.17 -39.68
CA VAL D 302 -7.58 12.18 -39.64
C VAL D 302 -6.68 12.09 -40.87
N ILE D 303 -6.50 13.22 -41.55
CA ILE D 303 -5.61 13.28 -42.71
C ILE D 303 -4.55 14.35 -42.50
N SER D 304 -3.35 14.12 -43.03
CA SER D 304 -2.26 15.07 -42.87
C SER D 304 -1.16 14.83 -43.89
S SO4 E . 18.99 7.57 16.45
O1 SO4 E . 19.52 7.13 15.17
O2 SO4 E . 17.66 6.98 16.62
O3 SO4 E . 19.86 7.14 17.53
O4 SO4 E . 18.93 9.03 16.46
S SO4 F . 5.66 22.09 26.07
O1 SO4 F . 5.84 21.53 24.73
O2 SO4 F . 5.85 23.54 26.05
O3 SO4 F . 4.33 21.76 26.56
O4 SO4 F . 6.68 21.51 26.95
S SO4 G . 9.82 15.89 -12.31
O1 SO4 G . 9.79 16.61 -13.58
O2 SO4 G . 8.72 14.93 -12.24
O3 SO4 G . 11.08 15.19 -12.17
O4 SO4 G . 9.67 16.86 -11.22
S SO4 H . -3.85 -5.29 -24.09
O1 SO4 H . -3.71 -4.72 -25.43
O2 SO4 H . -4.46 -6.61 -24.18
O3 SO4 H . -2.52 -5.42 -23.48
O4 SO4 H . -4.71 -4.41 -23.31
S SO4 I . -28.21 -6.64 0.28
O1 SO4 I . -29.49 -6.68 -0.39
O2 SO4 I . -27.19 -7.32 -0.51
O3 SO4 I . -27.82 -5.23 0.45
O4 SO4 I . -28.29 -7.30 1.59
S SO4 J . 9.49 -19.48 -4.09
O1 SO4 J . 8.73 -19.77 -5.30
O2 SO4 J . 9.22 -20.51 -3.09
O3 SO4 J . 10.91 -19.47 -4.40
O4 SO4 J . 9.10 -18.18 -3.55
S SO4 K . -13.90 -33.72 -7.87
O1 SO4 K . -13.88 -34.78 -8.86
O2 SO4 K . -14.33 -34.26 -6.58
O3 SO4 K . -12.57 -33.15 -7.72
O4 SO4 K . -14.83 -32.67 -8.30
S SO4 L . 6.25 -19.06 2.41
O1 SO4 L . 5.38 -19.89 1.59
O2 SO4 L . 7.00 -19.93 3.32
O3 SO4 L . 7.19 -18.33 1.55
O4 SO4 L . 5.45 -18.12 3.19
S SO4 M . 2.91 -9.47 14.35
O1 SO4 M . 1.64 -9.82 13.74
O2 SO4 M . 3.98 -10.31 13.80
O3 SO4 M . 3.23 -8.07 14.10
O4 SO4 M . 2.82 -9.69 15.80
#